data_5MQR
#
_entry.id   5MQR
#
_cell.length_a   125.720
_cell.length_b   316.998
_cell.length_c   90.023
_cell.angle_alpha   90.00
_cell.angle_beta   90.00
_cell.angle_gamma   90.00
#
_symmetry.space_group_name_H-M   'C 2 2 21'
#
loop_
_entity.id
_entity.type
_entity.pdbx_description
1 polymer Beta-L-arabinobiosidase
2 non-polymer 'CALCIUM ION'
3 non-polymer 'TRIETHYLENE GLYCOL'
4 non-polymer '4-(2-HYDROXYETHYL)-1-PIPERAZINE ETHANESULFONIC ACID'
5 non-polymer 1,2-ETHANEDIOL
6 non-polymer 'SODIUM ION'
7 water water
#
_entity_poly.entity_id   1
_entity_poly.type   'polypeptide(L)'
_entity_poly.pdbx_seq_one_letter_code
;(MSE)GSSHHHHHHSSGPQQGLRQAQTPQDRIHYTGKELSNPTYHDGQLSPVVGVHNIQLVRANREHPEASNGNGWTYNH
QP(MSE)LAYWNGQFYYQYLADPSDEHVPPSQTFL(MSE)TSKDGYQWTNPEIVFPPYKVPDGYTKESRPG(MSE)QAKD
LIAI(MSE)HQRVGFYVSKSGRLIT(MSE)GNYGVALDKKDDPNDGNGIGRVVREIKKDGSFGPIYFIYYNHGFNEKNTD
YPYFKKSKDREFVKACQEILDNPLY(MSE)(MSE)QWVEEADREDPIIPLKKGYKAFNCYTLPDGRIASLWKHALTSISE
DGGHTWAEPVLRAKGFVNSNAKIWGQRLSDGTYATVYNPSEFRWPLAISLSKDGLEYTTLNLVHGEITP(MSE)RYGGNY
KSYGPQ(PTR)PRGIQEGNGVPADGDLWVSYSVNKED(MSE)WISRIPVPVQINASAHADDDFSKSGSIAELTNWNIYSP
VWAPVSLEGEWLKLQDKDPFDYAKVERKIPASKELKVSFDLSAGQNDKGILQIDFLDENSIACSRLELTPDGIFR(MSE)
KGGSRFAN(MSE)(MSE)NYEAGKTYHVEAVLSTADRNIQVYVDGKRVGLR(MSE)FYAPVATIERIVFRTGE(MSE)RT
FPTVDTPADQTYDLPDAGGQEPLAEYRIANVKTSSTDKDASSAFLKYADFSHYAESFNG(MSE)EDENIVQAIPNAKASE
W(MSE)EENIPLFECPQRNFEE(MSE)YYYRWWSLRKHIKETPVGYG(MSE)TEFLVQRSYSDKYNLIACAIGHHIYESR
WLRDPKYLDQIIHTWYRGNDGGP(MSE)KK(MSE)DKFSSWNADAVLARY(MSE)VDGDKDF(MSE)LD(MSE)TKDLET
EYQRWERTNRLKNGLYWQGDVQDG(MSE)EESISGGRNKKYARPTINSY(MSE)YGNAKALSI(MSE)GILSGDEG
(MSE)A(MSE)RYG(MSE)RADTLKSLVENDLWNTRHQFFET(MSE)RTDSSANVREAIGYIPWYFNLPDTTKKYEVAWK
EI(MSE)DEKGFSAPYGLTTAERRHPEFRTRGVGKCEWDGAIWPFASAQTLTA(MSE)ANF(MSE)NNYPQTVLSDSVYF
RQ(MSE)ELYVESQYHRGRPYIGEYLDEVTGYWLKGDQERSRYYNHSTFNDL(MSE)ITGLIGLRPRLDDTIEINPLIPA
DKWDWFCLDNVLYHGHNLTILWDKNGDRYHCGKGLRIFVNGKEAGHADTLTRLVCENALK
;
_entity_poly.pdbx_strand_id   A
#
# COMPACT_ATOMS: atom_id res chain seq x y z
N ASP A 26 -22.52 6.00 13.82
CA ASP A 26 -23.03 5.41 15.10
C ASP A 26 -22.00 5.25 16.26
N ARG A 27 -21.04 4.28 16.18
CA ARG A 27 -19.98 4.14 17.23
C ARG A 27 -18.65 3.60 16.73
N ILE A 28 -17.56 3.99 17.39
CA ILE A 28 -16.24 3.39 17.14
C ILE A 28 -16.32 1.88 17.42
N HIS A 29 -15.75 1.06 16.54
CA HIS A 29 -15.74 -0.39 16.69
C HIS A 29 -14.62 -1.02 15.87
N TYR A 30 -14.24 -2.24 16.26
CA TYR A 30 -13.18 -2.98 15.59
C TYR A 30 -13.76 -4.26 15.01
N THR A 31 -13.60 -4.43 13.70
CA THR A 31 -14.05 -5.60 12.96
C THR A 31 -12.90 -6.44 12.40
N GLY A 32 -11.65 -6.04 12.63
CA GLY A 32 -10.52 -6.86 12.24
C GLY A 32 -10.58 -8.19 12.95
N LYS A 33 -9.91 -9.18 12.37
CA LYS A 33 -9.83 -10.51 13.00
C LYS A 33 -8.53 -10.75 13.75
N GLU A 34 -7.61 -9.81 13.67
CA GLU A 34 -6.30 -9.91 14.34
C GLU A 34 -6.47 -9.71 15.83
N LEU A 35 -5.94 -10.67 16.58
CA LEU A 35 -5.93 -10.68 18.06
C LEU A 35 -4.50 -10.64 18.55
N SER A 36 -4.27 -10.00 19.71
CA SER A 36 -2.94 -9.97 20.31
C SER A 36 -2.85 -11.13 21.35
N ASN A 37 -1.76 -11.87 21.29
CA ASN A 37 -1.51 -12.99 22.17
C ASN A 37 -0.59 -12.52 23.33
N PRO A 38 -1.15 -12.38 24.55
CA PRO A 38 -0.39 -11.80 25.68
C PRO A 38 0.83 -12.61 26.17
N THR A 39 0.92 -13.88 25.80
CA THR A 39 2.08 -14.74 26.05
C THR A 39 3.38 -14.20 25.38
N TYR A 40 3.25 -13.42 24.31
CA TYR A 40 4.37 -12.67 23.77
C TYR A 40 4.29 -11.21 24.16
N HIS A 41 5.46 -10.60 24.39
CA HIS A 41 5.55 -9.18 24.70
C HIS A 41 5.13 -8.30 23.54
N ASP A 42 5.36 -8.77 22.31
CA ASP A 42 4.89 -8.05 21.11
C ASP A 42 3.51 -8.52 20.65
N GLY A 43 2.85 -9.38 21.41
CA GLY A 43 1.54 -9.96 21.02
C GLY A 43 1.48 -10.85 19.78
N GLN A 44 2.64 -11.20 19.22
CA GLN A 44 2.77 -11.76 17.89
C GLN A 44 2.23 -10.82 16.81
N LEU A 45 2.21 -9.51 17.09
CA LEU A 45 1.82 -8.51 16.11
C LEU A 45 3.02 -8.04 15.32
N SER A 46 2.89 -8.02 14.00
CA SER A 46 3.89 -7.46 13.14
C SER A 46 3.74 -5.95 13.18
N PRO A 47 4.85 -5.22 13.18
CA PRO A 47 4.77 -3.77 13.25
C PRO A 47 4.44 -3.16 11.92
N VAL A 48 3.89 -1.95 11.96
CA VAL A 48 3.82 -1.13 10.76
C VAL A 48 5.24 -0.69 10.35
N VAL A 49 5.41 -0.31 9.08
CA VAL A 49 6.73 0.08 8.55
C VAL A 49 7.22 1.36 9.22
N GLY A 50 8.48 1.34 9.63
CA GLY A 50 9.18 2.57 9.96
C GLY A 50 8.93 3.17 11.32
N VAL A 51 8.41 2.40 12.28
CA VAL A 51 8.13 2.92 13.61
C VAL A 51 9.45 3.11 14.34
N HIS A 52 9.66 4.31 14.85
CA HIS A 52 10.82 4.58 15.72
C HIS A 52 10.36 4.75 17.17
N ASN A 53 10.81 3.86 18.04
CA ASN A 53 10.56 3.97 19.46
C ASN A 53 11.79 4.66 20.03
N ILE A 54 11.57 5.84 20.64
CA ILE A 54 12.63 6.69 21.17
C ILE A 54 12.42 6.93 22.68
N GLN A 55 13.38 6.49 23.50
CA GLN A 55 13.32 6.75 24.91
C GLN A 55 13.79 8.19 25.21
N LEU A 56 12.97 8.89 25.97
CA LEU A 56 13.22 10.26 26.34
C LEU A 56 13.84 10.38 27.72
N VAL A 57 13.31 9.64 28.70
CA VAL A 57 13.77 9.68 30.09
C VAL A 57 14.02 8.26 30.63
N ARG A 58 15.23 8.02 31.12
CA ARG A 58 15.62 6.75 31.70
C ARG A 58 15.85 6.97 33.17
N ALA A 59 14.93 6.48 33.99
CA ALA A 59 14.99 6.69 35.46
C ALA A 59 16.28 6.14 36.04
N ASN A 60 16.89 6.89 36.96
CA ASN A 60 18.09 6.41 37.67
C ASN A 60 18.21 7.11 38.99
N ARG A 61 17.86 6.40 40.07
CA ARG A 61 17.95 6.94 41.43
C ARG A 61 19.40 7.15 41.91
N GLU A 62 20.27 6.25 41.48
CA GLU A 62 21.63 6.19 41.97
C GLU A 62 22.49 7.25 41.32
N HIS A 63 22.13 7.67 40.12
CA HIS A 63 22.89 8.68 39.37
C HIS A 63 21.94 9.76 38.86
N PRO A 64 21.39 10.54 39.79
CA PRO A 64 20.47 11.61 39.41
C PRO A 64 21.17 12.73 38.62
N GLU A 65 20.44 13.28 37.69
CA GLU A 65 20.96 14.20 36.69
C GLU A 65 19.74 15.00 36.19
N ALA A 66 19.94 16.24 35.74
CA ALA A 66 18.85 16.99 35.07
C ALA A 66 18.12 16.14 33.98
N SER A 67 18.88 15.33 33.22
CA SER A 67 18.34 14.55 32.10
C SER A 67 17.42 13.40 32.51
N ASN A 68 17.45 12.99 33.78
CA ASN A 68 16.57 11.94 34.29
C ASN A 68 15.60 12.40 35.40
N GLY A 69 15.38 13.70 35.49
CA GLY A 69 14.48 14.25 36.49
C GLY A 69 15.01 14.15 37.90
N ASN A 70 16.34 14.16 38.04
CA ASN A 70 17.05 14.10 39.33
C ASN A 70 16.69 12.90 40.18
N GLY A 71 16.64 11.74 39.53
CA GLY A 71 16.58 10.45 40.22
C GLY A 71 15.23 9.94 40.63
N TRP A 72 14.17 10.63 40.22
CA TRP A 72 12.82 10.16 40.53
C TRP A 72 12.50 8.95 39.61
N THR A 73 11.94 7.89 40.21
CA THR A 73 11.73 6.62 39.49
C THR A 73 10.27 6.22 39.24
N TYR A 74 9.31 7.02 39.70
CA TYR A 74 7.93 6.96 39.24
C TYR A 74 7.72 8.11 38.27
N ASN A 75 7.54 7.78 36.99
CA ASN A 75 7.37 8.75 35.93
C ASN A 75 6.25 8.22 35.03
N HIS A 76 5.19 9.02 34.79
CA HIS A 76 3.98 8.50 34.14
C HIS A 76 3.14 9.62 33.52
N GLN A 77 2.13 9.21 32.74
CA GLN A 77 1.05 10.09 32.28
C GLN A 77 1.55 11.24 31.41
N PRO A 78 2.13 10.89 30.25
CA PRO A 78 2.60 11.95 29.38
C PRO A 78 1.48 12.67 28.64
N LEU A 80 1.22 15.58 25.19
CA LEU A 80 1.98 16.02 24.01
C LEU A 80 1.30 17.14 23.24
N ALA A 81 2.10 18.14 22.84
CA ALA A 81 1.67 19.18 21.91
C ALA A 81 2.80 19.51 20.92
N TYR A 82 2.46 20.22 19.85
CA TYR A 82 3.44 20.71 18.88
C TYR A 82 3.17 22.18 18.61
N TRP A 83 4.16 23.03 18.84
CA TRP A 83 3.95 24.45 18.83
C TRP A 83 5.22 25.16 18.43
N ASN A 84 5.11 26.13 17.55
CA ASN A 84 6.27 26.87 17.05
C ASN A 84 7.43 26.02 16.57
N GLY A 85 7.10 25.01 15.78
CA GLY A 85 8.08 24.08 15.25
C GLY A 85 8.69 23.11 16.26
N GLN A 86 8.09 22.96 17.45
CA GLN A 86 8.68 22.08 18.48
C GLN A 86 7.64 21.22 19.17
N PHE A 87 8.04 20.00 19.53
CA PHE A 87 7.25 19.14 20.41
C PHE A 87 7.39 19.63 21.83
N TYR A 88 6.30 19.58 22.59
CA TYR A 88 6.28 19.78 24.02
C TYR A 88 5.69 18.53 24.65
N TYR A 89 6.44 17.97 25.61
CA TYR A 89 6.20 16.68 26.23
C TYR A 89 6.15 16.94 27.74
N GLN A 90 4.99 16.69 28.33
CA GLN A 90 4.73 16.91 29.76
C GLN A 90 4.58 15.54 30.39
N TYR A 91 5.10 15.36 31.61
CA TYR A 91 4.85 14.14 32.37
C TYR A 91 4.91 14.42 33.86
N LEU A 92 4.36 13.51 34.65
CA LEU A 92 4.39 13.67 36.07
C LEU A 92 5.23 12.63 36.76
N ALA A 93 5.69 12.98 37.95
CA ALA A 93 6.67 12.20 38.62
C ALA A 93 6.56 12.32 40.13
N ASP A 94 6.84 11.21 40.79
CA ASP A 94 7.06 11.15 42.22
C ASP A 94 8.43 10.43 42.40
N PRO A 95 9.06 10.60 43.57
CA PRO A 95 10.37 9.95 43.74
C PRO A 95 10.37 8.43 43.58
N SER A 96 9.28 7.75 43.93
CA SER A 96 9.27 6.31 43.74
C SER A 96 7.93 5.60 43.63
N ASP A 97 6.91 6.13 44.31
CA ASP A 97 5.64 5.42 44.47
C ASP A 97 4.47 6.32 44.04
N GLU A 98 3.53 5.73 43.31
CA GLU A 98 2.28 6.41 42.93
C GLU A 98 1.54 6.83 44.18
N HIS A 99 1.12 8.11 44.17
CA HIS A 99 0.38 8.72 45.26
C HIS A 99 1.16 8.84 46.57
N VAL A 100 2.49 8.74 46.48
CA VAL A 100 3.35 8.99 47.63
C VAL A 100 4.13 10.25 47.30
N PRO A 101 3.89 11.34 48.06
CA PRO A 101 4.55 12.62 47.76
C PRO A 101 6.06 12.56 48.02
N PRO A 102 6.84 13.52 47.50
CA PRO A 102 6.35 14.63 46.69
C PRO A 102 6.01 14.26 45.24
N SER A 103 5.51 15.24 44.51
CA SER A 103 4.93 15.01 43.20
C SER A 103 4.99 16.31 42.44
N GLN A 104 5.34 16.22 41.15
CA GLN A 104 5.47 17.40 40.32
C GLN A 104 5.30 17.03 38.87
N THR A 105 5.27 18.06 38.02
CA THR A 105 5.11 17.89 36.57
C THR A 105 6.33 18.47 35.84
N PHE A 106 6.86 17.68 34.90
CA PHE A 106 8.05 18.01 34.11
C PHE A 106 7.65 18.41 32.69
N LEU A 107 8.48 19.24 32.06
CA LEU A 107 8.35 19.60 30.64
C LEU A 107 9.67 19.44 29.89
N THR A 109 11.24 19.62 25.57
CA THR A 109 10.96 20.08 24.22
C THR A 109 11.99 19.55 23.19
N SER A 110 11.59 19.50 21.92
CA SER A 110 12.43 19.00 20.81
C SER A 110 12.03 19.65 19.48
N LYS A 111 13.02 20.04 18.68
CA LYS A 111 12.76 20.47 17.28
C LYS A 111 12.33 19.30 16.38
N ASP A 112 12.94 18.13 16.56
CA ASP A 112 12.78 17.00 15.61
C ASP A 112 12.04 15.76 16.16
N GLY A 113 11.79 15.71 17.46
CA GLY A 113 11.23 14.53 18.11
C GLY A 113 12.24 13.47 18.58
N TYR A 114 13.52 13.63 18.22
CA TYR A 114 14.58 12.65 18.55
C TYR A 114 15.55 13.13 19.66
N GLN A 115 15.90 14.41 19.61
CA GLN A 115 16.82 15.08 20.54
C GLN A 115 16.01 16.08 21.37
N TRP A 116 16.02 15.89 22.67
CA TRP A 116 15.19 16.64 23.58
C TRP A 116 16.02 17.42 24.63
N THR A 117 15.49 18.54 25.09
CA THR A 117 16.03 19.23 26.26
C THR A 117 15.79 18.38 27.51
N ASN A 118 16.50 18.73 28.58
CA ASN A 118 16.28 18.09 29.85
C ASN A 118 14.90 18.42 30.46
N PRO A 119 14.29 17.45 31.19
CA PRO A 119 13.05 17.75 31.91
C PRO A 119 13.28 18.94 32.80
N GLU A 120 12.34 19.86 32.75
CA GLU A 120 12.38 21.09 33.51
C GLU A 120 11.10 21.04 34.36
N ILE A 121 11.20 21.34 35.66
CA ILE A 121 10.00 21.35 36.51
C ILE A 121 9.10 22.51 36.06
N VAL A 122 7.87 22.18 35.65
CA VAL A 122 6.94 23.18 35.11
C VAL A 122 5.80 23.48 36.11
N PHE A 123 5.39 22.48 36.89
CA PHE A 123 4.58 22.71 38.09
C PHE A 123 5.26 21.99 39.26
N PRO A 124 5.71 22.73 40.29
CA PRO A 124 6.50 22.15 41.36
C PRO A 124 5.63 21.56 42.50
N PRO A 125 6.27 20.86 43.46
CA PRO A 125 5.57 20.38 44.67
C PRO A 125 4.78 21.49 45.36
N TYR A 126 3.58 21.15 45.82
CA TYR A 126 2.64 22.11 46.40
C TYR A 126 2.25 21.64 47.79
N LYS A 127 2.20 22.58 48.74
CA LYS A 127 1.83 22.27 50.11
C LYS A 127 0.33 22.13 50.29
N VAL A 128 -0.10 20.96 50.72
CA VAL A 128 -1.47 20.77 51.19
C VAL A 128 -1.57 21.57 52.48
N PRO A 129 -2.61 22.41 52.66
CA PRO A 129 -2.61 23.19 53.91
C PRO A 129 -2.72 22.28 55.16
N ASP A 130 -1.89 22.58 56.17
CA ASP A 130 -1.97 21.93 57.47
C ASP A 130 -3.41 22.03 57.99
N GLY A 131 -4.01 20.89 58.37
CA GLY A 131 -5.37 20.85 58.88
C GLY A 131 -6.42 20.35 57.90
N TYR A 132 -5.99 20.06 56.66
CA TYR A 132 -6.87 19.47 55.64
C TYR A 132 -7.36 18.09 56.09
N THR A 133 -8.62 17.79 55.81
CA THR A 133 -9.24 16.51 56.16
C THR A 133 -10.08 16.03 54.98
N LYS A 134 -10.37 14.74 55.00
CA LYS A 134 -11.37 14.11 54.15
C LYS A 134 -12.33 13.33 55.04
N GLU A 135 -13.59 13.23 54.59
CA GLU A 135 -14.62 12.39 55.23
C GLU A 135 -14.24 10.89 55.27
N SER A 136 -13.51 10.42 54.26
CA SER A 136 -13.09 9.02 54.18
C SER A 136 -11.89 8.63 55.08
N ARG A 137 -11.27 9.59 55.77
CA ARG A 137 -10.12 9.31 56.64
C ARG A 137 -10.27 9.98 58.02
N PRO A 138 -11.30 9.56 58.80
CA PRO A 138 -11.52 10.21 60.12
C PRO A 138 -10.32 10.06 61.04
N GLY A 139 -10.06 11.08 61.86
CA GLY A 139 -8.89 11.12 62.74
C GLY A 139 -7.57 11.62 62.14
N GLN A 141 -5.13 14.20 59.77
CA GLN A 141 -5.00 15.58 59.32
C GLN A 141 -3.74 15.71 58.51
N ALA A 142 -3.73 16.70 57.64
CA ALA A 142 -2.54 17.01 56.87
C ALA A 142 -1.57 17.68 57.80
N LYS A 143 -0.34 17.21 57.83
CA LYS A 143 0.73 17.97 58.44
C LYS A 143 2.00 17.81 57.63
N ASP A 144 2.58 18.96 57.23
CA ASP A 144 3.78 19.01 56.38
C ASP A 144 3.67 18.08 55.15
N LEU A 145 2.48 18.07 54.56
CA LEU A 145 2.12 17.18 53.47
C LEU A 145 2.20 17.89 52.11
N ILE A 146 2.84 17.23 51.15
CA ILE A 146 2.95 17.70 49.79
C ILE A 146 1.81 17.05 48.98
N ALA A 147 1.22 17.82 48.06
CA ALA A 147 0.13 17.33 47.22
C ALA A 147 0.60 16.33 46.19
N ILE A 148 -0.36 15.62 45.60
CA ILE A 148 -0.13 14.72 44.49
C ILE A 148 -0.68 15.39 43.25
N HIS A 150 -1.91 15.16 39.29
CA HIS A 150 -2.62 14.25 38.41
C HIS A 150 -3.40 15.07 37.38
N GLN A 151 -3.12 14.84 36.11
CA GLN A 151 -3.72 15.53 34.96
C GLN A 151 -4.07 14.53 33.91
N ARG A 152 -5.20 14.69 33.24
CA ARG A 152 -5.48 13.93 32.01
C ARG A 152 -5.33 14.78 30.76
N VAL A 153 -5.05 16.08 30.96
CA VAL A 153 -4.87 17.05 29.89
C VAL A 153 -3.80 18.02 30.35
N GLY A 154 -2.89 18.34 29.43
CA GLY A 154 -1.68 19.09 29.72
C GLY A 154 -1.43 20.39 28.97
N PHE A 155 -2.13 20.63 27.86
CA PHE A 155 -1.76 21.66 26.92
C PHE A 155 -2.97 22.24 26.20
N TYR A 156 -2.95 23.55 25.95
CA TYR A 156 -3.92 24.23 25.07
C TYR A 156 -3.21 25.30 24.24
N VAL A 157 -3.41 25.30 22.93
CA VAL A 157 -2.95 26.39 22.08
C VAL A 157 -4.14 27.31 21.82
N SER A 158 -4.01 28.56 22.25
CA SER A 158 -5.09 29.52 22.17
C SER A 158 -5.34 30.03 20.75
N LYS A 159 -6.42 30.78 20.61
CA LYS A 159 -6.79 31.36 19.32
C LYS A 159 -5.76 32.38 18.84
N SER A 160 -5.16 33.12 19.76
CA SER A 160 -4.06 34.03 19.44
C SER A 160 -2.65 33.35 19.32
N GLY A 161 -2.61 32.01 19.27
CA GLY A 161 -1.36 31.27 19.11
C GLY A 161 -0.46 31.15 20.33
N ARG A 162 -0.97 31.41 21.55
CA ARG A 162 -0.24 31.17 22.80
C ARG A 162 -0.33 29.71 23.29
N LEU A 163 0.72 29.26 23.96
CA LEU A 163 0.75 27.89 24.45
C LEU A 163 0.53 27.94 25.94
N ILE A 164 -0.55 27.30 26.41
CA ILE A 164 -0.81 27.17 27.84
C ILE A 164 -0.57 25.71 28.24
N THR A 165 0.13 25.49 29.34
CA THR A 165 0.26 24.16 29.92
C THR A 165 -0.46 24.16 31.25
N GLY A 167 -1.90 21.70 34.89
CA GLY A 167 -1.89 20.52 35.72
C GLY A 167 -2.75 20.73 36.93
N ASN A 168 -2.89 19.68 37.73
CA ASN A 168 -3.82 19.69 38.84
C ASN A 168 -3.20 19.09 40.10
N TYR A 169 -3.54 19.64 41.26
CA TYR A 169 -3.09 19.14 42.56
C TYR A 169 -4.24 18.50 43.35
N GLY A 170 -4.07 17.22 43.69
CA GLY A 170 -4.97 16.47 44.59
C GLY A 170 -4.27 16.14 45.91
N VAL A 171 -4.97 15.46 46.82
CA VAL A 171 -4.42 15.14 48.14
C VAL A 171 -4.49 13.65 48.42
N ALA A 172 -3.34 13.05 48.72
CA ALA A 172 -3.27 11.68 49.25
C ALA A 172 -2.77 11.77 50.68
N LEU A 173 -3.62 11.38 51.61
CA LEU A 173 -3.29 11.37 53.04
C LEU A 173 -2.47 10.14 53.41
N ASP A 174 -2.61 9.07 52.64
CA ASP A 174 -1.76 7.90 52.78
C ASP A 174 -1.62 7.19 51.43
N LYS A 175 -0.85 6.09 51.40
CA LYS A 175 -0.58 5.23 50.22
C LYS A 175 -1.82 4.89 49.40
N LYS A 176 -2.91 4.63 50.12
CA LYS A 176 -4.16 4.06 49.58
C LYS A 176 -5.22 5.11 49.19
N ASP A 177 -5.00 6.36 49.62
CA ASP A 177 -5.94 7.46 49.39
C ASP A 177 -5.99 7.83 47.92
N ASP A 178 -7.10 8.44 47.53
CA ASP A 178 -7.38 8.80 46.15
C ASP A 178 -7.33 10.33 45.98
N PRO A 179 -6.29 10.86 45.28
CA PRO A 179 -6.20 12.32 45.07
C PRO A 179 -7.22 12.87 44.05
N ASN A 180 -7.83 11.97 43.27
CA ASN A 180 -8.80 12.35 42.24
C ASN A 180 -10.20 12.05 42.72
N ASP A 181 -10.47 12.39 43.99
CA ASP A 181 -11.74 12.08 44.65
C ASP A 181 -12.73 13.28 44.57
N GLY A 182 -12.29 14.37 43.93
CA GLY A 182 -13.06 15.59 43.88
C GLY A 182 -12.97 16.40 45.16
N ASN A 183 -12.01 16.06 46.02
CA ASN A 183 -11.72 16.83 47.23
C ASN A 183 -10.30 17.38 47.16
N GLY A 184 -9.74 17.48 45.95
CA GLY A 184 -8.39 18.02 45.75
C GLY A 184 -8.31 19.52 45.96
N ILE A 185 -7.25 20.12 45.45
CA ILE A 185 -6.97 21.54 45.68
C ILE A 185 -7.44 22.34 44.49
N GLY A 186 -6.89 22.04 43.33
CA GLY A 186 -7.29 22.76 42.11
C GLY A 186 -6.34 22.61 40.94
N ARG A 187 -6.70 23.27 39.86
CA ARG A 187 -5.98 23.18 38.63
C ARG A 187 -5.23 24.46 38.34
N VAL A 188 -3.99 24.31 37.87
CA VAL A 188 -3.11 25.44 37.61
C VAL A 188 -2.74 25.46 36.14
N VAL A 189 -2.32 26.64 35.70
CA VAL A 189 -1.90 26.91 34.34
C VAL A 189 -0.70 27.83 34.37
N ARG A 190 0.09 27.78 33.31
CA ARG A 190 1.07 28.82 33.02
C ARG A 190 1.38 28.86 31.53
N GLU A 191 1.77 30.03 31.05
CA GLU A 191 2.07 30.20 29.65
C GLU A 191 3.48 29.69 29.39
N ILE A 192 3.65 29.00 28.25
CA ILE A 192 4.96 28.73 27.70
C ILE A 192 5.25 29.74 26.56
N LYS A 193 6.36 30.44 26.66
CA LYS A 193 6.70 31.51 25.70
C LYS A 193 7.64 31.03 24.60
N LYS A 194 7.68 31.78 23.49
CA LYS A 194 8.51 31.39 22.33
C LYS A 194 9.97 31.17 22.71
N ASP A 195 10.45 32.02 23.62
CA ASP A 195 11.84 31.99 24.05
C ASP A 195 12.19 30.86 25.05
N GLY A 196 11.26 29.95 25.33
CA GLY A 196 11.52 28.86 26.29
C GLY A 196 11.21 29.18 27.75
N SER A 197 11.11 30.46 28.11
CA SER A 197 10.72 30.83 29.48
C SER A 197 9.23 30.52 29.78
N PHE A 198 8.91 30.46 31.06
CA PHE A 198 7.56 30.31 31.55
C PHE A 198 7.02 31.60 32.15
N GLY A 199 5.71 31.81 32.02
CA GLY A 199 5.01 32.84 32.76
C GLY A 199 4.68 32.38 34.17
N PRO A 200 4.03 33.26 34.95
CA PRO A 200 3.74 32.83 36.32
C PRO A 200 2.64 31.77 36.37
N ILE A 201 2.64 31.01 37.46
CA ILE A 201 1.63 30.00 37.71
C ILE A 201 0.39 30.67 38.28
N TYR A 202 -0.78 30.31 37.71
CA TYR A 202 -2.05 30.70 38.28
C TYR A 202 -2.99 29.50 38.42
N PHE A 203 -3.94 29.64 39.32
CA PHE A 203 -5.06 28.74 39.38
C PHE A 203 -6.12 29.13 38.36
N ILE A 204 -6.59 28.13 37.64
CA ILE A 204 -7.72 28.27 36.72
C ILE A 204 -9.02 27.64 37.30
N TYR A 205 -8.89 26.69 38.24
CA TYR A 205 -10.05 26.07 38.88
C TYR A 205 -9.72 25.73 40.33
N TYR A 206 -10.66 26.01 41.23
CA TYR A 206 -10.55 25.62 42.63
C TYR A 206 -11.55 24.53 42.93
N ASN A 207 -11.08 23.47 43.60
CA ASN A 207 -11.96 22.50 44.19
C ASN A 207 -12.66 23.14 45.38
N HIS A 208 -13.81 22.60 45.75
CA HIS A 208 -14.66 23.17 46.80
C HIS A 208 -13.86 23.36 48.08
N GLY A 209 -14.03 24.51 48.71
CA GLY A 209 -13.33 24.81 49.94
C GLY A 209 -12.01 25.54 49.73
N PHE A 210 -11.46 25.48 48.51
CA PHE A 210 -10.30 26.30 48.15
C PHE A 210 -10.68 27.54 47.35
N ASN A 211 -9.91 28.60 47.55
CA ASN A 211 -10.17 29.89 46.93
C ASN A 211 -8.89 30.72 46.98
N GLU A 212 -8.97 31.97 46.50
CA GLU A 212 -7.83 32.89 46.46
C GLU A 212 -7.16 33.07 47.83
N LYS A 213 -7.96 33.09 48.90
CA LYS A 213 -7.44 33.38 50.24
C LYS A 213 -6.69 32.25 50.93
N ASN A 214 -6.81 31.00 50.45
CA ASN A 214 -6.09 29.85 51.04
C ASN A 214 -5.26 28.99 50.03
N THR A 215 -4.93 29.57 48.88
CA THR A 215 -4.06 28.92 47.90
C THR A 215 -2.82 29.79 47.65
N ASP A 216 -1.78 29.15 47.11
CA ASP A 216 -0.43 29.71 47.05
C ASP A 216 -0.01 30.26 45.68
N TYR A 217 -0.93 30.32 44.73
CA TYR A 217 -0.71 31.01 43.46
C TYR A 217 -1.97 31.83 43.19
N PRO A 218 -1.83 32.99 42.53
CA PRO A 218 -3.04 33.79 42.30
C PRO A 218 -3.98 33.19 41.26
N TYR A 219 -5.22 33.66 41.31
CA TYR A 219 -6.22 33.29 40.33
C TYR A 219 -5.88 33.91 38.97
N PHE A 220 -6.16 33.18 37.90
CA PHE A 220 -5.69 33.58 36.57
C PHE A 220 -6.17 34.97 36.14
N LYS A 221 -7.33 35.39 36.62
CA LYS A 221 -7.85 36.70 36.26
C LYS A 221 -7.04 37.85 36.84
N LYS A 222 -6.10 37.58 37.75
CA LYS A 222 -5.29 38.65 38.33
C LYS A 222 -4.11 39.04 37.45
N SER A 223 -3.78 38.21 36.46
CA SER A 223 -2.73 38.57 35.51
C SER A 223 -3.08 39.86 34.80
N LYS A 224 -2.07 40.70 34.61
CA LYS A 224 -2.21 41.93 33.82
C LYS A 224 -2.00 41.69 32.31
N ASP A 225 -1.77 40.44 31.92
CA ASP A 225 -1.63 40.05 30.53
C ASP A 225 -3.03 39.66 30.02
N ARG A 226 -3.71 40.60 29.39
CA ARG A 226 -5.09 40.42 28.92
C ARG A 226 -5.26 39.22 28.03
N GLU A 227 -4.28 38.99 27.15
CA GLU A 227 -4.34 37.90 26.19
C GLU A 227 -4.14 36.53 26.83
N PHE A 228 -3.34 36.47 27.91
CA PHE A 228 -3.22 35.26 28.71
C PHE A 228 -4.58 34.95 29.39
N VAL A 229 -5.21 35.95 29.99
CA VAL A 229 -6.50 35.77 30.64
C VAL A 229 -7.52 35.24 29.64
N LYS A 230 -7.57 35.84 28.45
CA LYS A 230 -8.45 35.36 27.37
C LYS A 230 -8.16 33.91 26.98
N ALA A 231 -6.88 33.55 26.94
CA ALA A 231 -6.45 32.20 26.59
C ALA A 231 -6.96 31.16 27.61
N CYS A 232 -6.87 31.51 28.89
CA CYS A 232 -7.39 30.68 29.96
C CYS A 232 -8.91 30.59 29.88
N GLN A 233 -9.57 31.71 29.63
CA GLN A 233 -11.02 31.74 29.51
C GLN A 233 -11.53 30.83 28.40
N GLU A 234 -10.77 30.70 27.31
CA GLU A 234 -11.08 29.80 26.20
C GLU A 234 -11.05 28.33 26.62
N ILE A 235 -10.18 27.97 27.55
CA ILE A 235 -10.13 26.61 28.07
C ILE A 235 -11.44 26.33 28.78
N LEU A 236 -11.83 27.23 29.68
CA LEU A 236 -13.07 27.09 30.45
C LEU A 236 -14.32 27.07 29.57
N ASP A 237 -14.29 27.79 28.44
CA ASP A 237 -15.41 27.83 27.51
C ASP A 237 -15.38 26.71 26.49
N ASN A 238 -14.43 25.79 26.58
CA ASN A 238 -14.33 24.73 25.62
C ASN A 238 -14.76 23.39 26.27
N PRO A 239 -15.95 22.88 25.92
CA PRO A 239 -16.44 21.65 26.55
C PRO A 239 -15.54 20.44 26.36
N LEU A 240 -14.81 20.37 25.26
CA LEU A 240 -13.85 19.30 25.05
C LEU A 240 -12.73 19.26 26.11
N TYR A 241 -12.38 20.43 26.63
CA TYR A 241 -11.42 20.53 27.73
C TYR A 241 -12.09 20.24 29.08
N GLN A 244 -12.21 16.65 30.04
CA GLN A 244 -10.93 16.09 30.49
C GLN A 244 -10.54 16.56 31.86
N TRP A 245 -11.45 17.24 32.55
CA TRP A 245 -11.28 17.67 33.93
C TRP A 245 -12.17 16.91 34.91
N VAL A 246 -13.02 16.00 34.41
CA VAL A 246 -14.05 15.37 35.24
C VAL A 246 -13.53 14.50 36.39
N GLU A 247 -12.37 13.87 36.22
CA GLU A 247 -11.84 13.02 37.27
C GLU A 247 -11.33 13.76 38.50
N GLU A 248 -10.82 14.99 38.32
CA GLU A 248 -10.22 15.77 39.43
C GLU A 248 -11.12 16.88 39.93
N ALA A 249 -11.95 17.42 39.03
CA ALA A 249 -12.92 18.45 39.39
C ALA A 249 -13.89 17.95 40.46
N ASP A 250 -14.57 18.89 41.14
CA ASP A 250 -15.68 18.56 42.05
C ASP A 250 -16.65 17.57 41.39
N ARG A 251 -17.22 16.69 42.20
CA ARG A 251 -18.26 15.79 41.72
C ARG A 251 -19.49 16.61 41.38
N GLU A 252 -20.06 16.33 40.21
CA GLU A 252 -21.28 17.00 39.74
C GLU A 252 -21.11 18.51 39.44
N ASP A 253 -19.88 18.95 39.22
CA ASP A 253 -19.62 20.36 38.92
C ASP A 253 -20.36 20.74 37.63
N PRO A 254 -21.18 21.81 37.68
CA PRO A 254 -21.91 22.34 36.51
C PRO A 254 -21.09 22.52 35.22
N ILE A 255 -19.81 22.91 35.32
CA ILE A 255 -18.98 23.15 34.11
C ILE A 255 -18.60 21.91 33.32
N ILE A 256 -18.77 20.73 33.92
CA ILE A 256 -18.50 19.46 33.24
C ILE A 256 -19.74 19.08 32.43
N PRO A 257 -19.60 18.87 31.11
CA PRO A 257 -20.79 18.57 30.28
C PRO A 257 -21.48 17.24 30.61
N LEU A 258 -20.69 16.18 30.75
CA LEU A 258 -21.17 14.83 31.08
C LEU A 258 -20.53 14.49 32.42
N LYS A 259 -21.36 14.33 33.45
CA LYS A 259 -20.87 14.28 34.83
C LYS A 259 -20.34 12.92 35.34
N LYS A 260 -20.63 11.83 34.63
CA LYS A 260 -20.09 10.50 34.97
C LYS A 260 -18.57 10.46 34.78
N GLY A 261 -17.92 9.74 35.68
CA GLY A 261 -16.45 9.66 35.76
C GLY A 261 -15.84 8.67 34.81
N TYR A 262 -16.12 8.85 33.52
CA TYR A 262 -15.45 8.12 32.48
C TYR A 262 -14.08 8.74 32.43
N LYS A 263 -13.08 7.94 32.08
CA LYS A 263 -11.70 8.31 32.36
C LYS A 263 -10.87 8.57 31.14
N ALA A 264 -10.01 9.59 31.23
CA ALA A 264 -8.99 9.88 30.21
C ALA A 264 -9.61 10.13 28.83
N PHE A 265 -10.67 10.93 28.82
CA PHE A 265 -11.32 11.39 27.61
C PHE A 265 -10.33 11.84 26.54
N ASN A 266 -10.54 11.38 25.32
CA ASN A 266 -9.95 12.01 24.15
C ASN A 266 -10.96 11.90 23.03
N CYS A 267 -10.81 12.74 22.02
CA CYS A 267 -11.76 12.82 20.94
C CYS A 267 -11.14 13.22 19.64
N TYR A 268 -11.90 13.02 18.58
CA TYR A 268 -11.51 13.50 17.27
C TYR A 268 -12.73 13.78 16.43
N THR A 269 -12.52 14.50 15.33
CA THR A 269 -13.58 14.96 14.46
C THR A 269 -13.70 14.01 13.27
N LEU A 270 -14.89 13.47 13.10
CA LEU A 270 -15.21 12.54 12.00
C LEU A 270 -15.34 13.30 10.67
N PRO A 271 -15.35 12.60 9.53
CA PRO A 271 -15.44 13.35 8.26
C PRO A 271 -16.68 14.21 8.10
N ASP A 272 -17.81 13.84 8.73
CA ASP A 272 -19.04 14.66 8.74
C ASP A 272 -19.08 15.79 9.80
N GLY A 273 -18.02 15.98 10.57
CA GLY A 273 -17.99 17.04 11.59
C GLY A 273 -18.51 16.65 12.95
N ARG A 274 -19.07 15.45 13.11
CA ARG A 274 -19.39 14.96 14.46
C ARG A 274 -18.10 14.61 15.21
N ILE A 275 -18.18 14.59 16.54
CA ILE A 275 -17.01 14.29 17.36
C ILE A 275 -17.18 12.91 18.04
N ALA A 276 -16.20 12.04 17.84
CA ALA A 276 -16.16 10.73 18.46
C ALA A 276 -15.25 10.78 19.68
N SER A 277 -15.68 10.19 20.80
CA SER A 277 -14.91 10.15 22.04
C SER A 277 -14.48 8.74 22.41
N LEU A 278 -13.40 8.70 23.18
CA LEU A 278 -12.86 7.48 23.76
C LEU A 278 -12.44 7.78 25.21
N TRP A 279 -12.61 6.76 26.04
CA TRP A 279 -12.18 6.78 27.40
C TRP A 279 -11.51 5.43 27.68
N LYS A 280 -10.98 5.27 28.89
CA LYS A 280 -10.50 3.96 29.35
C LYS A 280 -11.52 2.83 29.16
N HIS A 281 -11.00 1.63 28.88
CA HIS A 281 -11.80 0.43 28.51
C HIS A 281 -12.44 0.58 27.14
N ALA A 282 -11.92 1.53 26.37
CA ALA A 282 -12.50 1.94 25.11
C ALA A 282 -14.03 2.20 25.18
N LEU A 283 -14.51 2.74 26.30
CA LEU A 283 -15.85 3.34 26.27
C LEU A 283 -15.85 4.43 25.19
N THR A 284 -16.98 4.59 24.55
CA THR A 284 -17.02 5.45 23.36
C THR A 284 -18.40 6.07 23.15
N SER A 285 -18.39 7.28 22.61
CA SER A 285 -19.61 8.00 22.28
C SER A 285 -19.40 8.95 21.10
N ILE A 286 -20.44 9.75 20.85
CA ILE A 286 -20.48 10.68 19.74
C ILE A 286 -21.19 11.93 20.23
N SER A 287 -20.73 13.08 19.74
CA SER A 287 -21.38 14.37 19.99
C SER A 287 -21.63 15.04 18.65
N GLU A 288 -22.83 15.58 18.50
CA GLU A 288 -23.24 16.32 17.31
C GLU A 288 -23.30 17.83 17.57
N ASP A 289 -22.97 18.29 18.77
CA ASP A 289 -23.11 19.70 19.13
C ASP A 289 -21.79 20.30 19.65
N GLY A 290 -20.67 19.78 19.17
CA GLY A 290 -19.34 20.19 19.62
C GLY A 290 -18.94 19.84 21.04
N GLY A 291 -19.50 18.75 21.59
CA GLY A 291 -19.09 18.22 22.87
C GLY A 291 -19.89 18.65 24.09
N HIS A 292 -20.95 19.43 23.91
CA HIS A 292 -21.82 19.80 25.04
C HIS A 292 -22.70 18.62 25.50
N THR A 293 -23.16 17.76 24.55
CA THR A 293 -23.97 16.58 24.86
C THR A 293 -23.48 15.35 24.08
N TRP A 294 -23.68 14.19 24.70
CA TRP A 294 -23.07 12.93 24.24
C TRP A 294 -24.11 11.83 24.17
N ALA A 295 -24.00 10.98 23.17
CA ALA A 295 -24.97 9.92 22.97
C ALA A 295 -24.83 8.88 24.08
N GLU A 296 -25.99 8.49 24.63
CA GLU A 296 -26.17 7.39 25.57
C GLU A 296 -26.79 6.19 24.81
N PRO A 297 -26.62 4.96 25.30
CA PRO A 297 -25.75 4.62 26.45
C PRO A 297 -24.26 4.62 26.03
N VAL A 298 -23.36 4.93 26.97
CA VAL A 298 -21.93 4.88 26.68
C VAL A 298 -21.45 3.48 26.96
N LEU A 299 -21.04 2.76 25.91
CA LEU A 299 -20.60 1.41 26.03
C LEU A 299 -19.20 1.23 25.46
N ARG A 300 -18.59 0.10 25.83
CA ARG A 300 -17.31 -0.32 25.29
C ARG A 300 -17.44 -0.40 23.80
N ALA A 301 -16.37 -0.04 23.10
CA ALA A 301 -16.32 -0.08 21.66
C ALA A 301 -16.23 -1.54 21.26
N LYS A 302 -17.21 -1.98 20.46
CA LYS A 302 -17.35 -3.40 20.18
C LYS A 302 -16.13 -3.90 19.43
N GLY A 303 -15.66 -5.05 19.84
CA GLY A 303 -14.51 -5.69 19.21
C GLY A 303 -13.13 -5.27 19.71
N PHE A 304 -13.02 -4.07 20.27
CA PHE A 304 -11.75 -3.60 20.83
C PHE A 304 -11.39 -4.42 22.07
N VAL A 305 -10.14 -4.87 22.09
CA VAL A 305 -9.55 -5.46 23.28
C VAL A 305 -8.72 -4.35 23.90
N ASN A 306 -9.10 -3.94 25.11
CA ASN A 306 -8.52 -2.82 25.79
C ASN A 306 -9.01 -2.89 27.22
N SER A 307 -8.21 -2.35 28.11
CA SER A 307 -8.51 -2.42 29.52
C SER A 307 -8.27 -1.04 30.12
N ASN A 308 -7.30 -0.94 31.02
CA ASN A 308 -7.20 0.13 31.96
C ASN A 308 -6.11 1.15 31.66
N ALA A 309 -5.32 0.93 30.61
CA ALA A 309 -4.11 1.70 30.39
C ALA A 309 -4.22 2.81 29.32
N LYS A 310 -5.45 3.31 29.11
CA LYS A 310 -5.84 4.30 28.08
C LYS A 310 -5.81 3.82 26.61
N ILE A 311 -6.67 4.44 25.81
CA ILE A 311 -6.65 4.30 24.37
C ILE A 311 -6.65 5.72 23.78
N TRP A 312 -5.80 5.92 22.77
CA TRP A 312 -5.68 7.19 22.11
C TRP A 312 -6.17 7.04 20.69
N GLY A 313 -7.05 7.92 20.28
CA GLY A 313 -7.52 7.96 18.90
C GLY A 313 -7.34 9.35 18.31
N GLN A 314 -6.99 9.41 17.03
CA GLN A 314 -6.90 10.68 16.33
C GLN A 314 -7.07 10.53 14.83
N ARG A 315 -7.42 11.66 14.21
CA ARG A 315 -7.27 11.85 12.79
C ARG A 315 -5.77 12.05 12.41
N LEU A 316 -5.36 11.47 11.29
CA LEU A 316 -3.99 11.57 10.79
C LEU A 316 -3.90 12.64 9.70
N SER A 317 -2.68 12.96 9.28
CA SER A 317 -2.46 14.02 8.29
C SER A 317 -2.95 13.63 6.90
N ASP A 318 -3.12 12.34 6.64
CA ASP A 318 -3.68 11.87 5.36
C ASP A 318 -5.22 11.78 5.35
N GLY A 319 -5.89 12.25 6.39
CA GLY A 319 -7.35 12.22 6.45
C GLY A 319 -7.95 10.94 7.04
N THR A 320 -7.12 9.92 7.29
CA THR A 320 -7.60 8.68 7.91
C THR A 320 -7.44 8.76 9.43
N TYR A 321 -7.74 7.67 10.13
CA TYR A 321 -7.81 7.64 11.55
C TYR A 321 -6.99 6.47 12.10
N ALA A 322 -6.53 6.60 13.34
CA ALA A 322 -5.77 5.59 14.04
C ALA A 322 -6.06 5.60 15.53
N THR A 323 -6.07 4.40 16.13
CA THR A 323 -6.10 4.24 17.59
C THR A 323 -4.81 3.57 18.01
N VAL A 324 -4.28 3.98 19.15
CA VAL A 324 -3.08 3.40 19.75
C VAL A 324 -3.42 3.02 21.18
N TYR A 325 -3.11 1.79 21.55
CA TYR A 325 -3.60 1.20 22.79
C TYR A 325 -2.93 -0.13 23.08
N ASN A 326 -3.08 -0.58 24.32
CA ASN A 326 -2.75 -1.96 24.71
C ASN A 326 -3.96 -2.83 24.32
N PRO A 327 -3.80 -3.74 23.34
CA PRO A 327 -4.88 -4.61 22.85
C PRO A 327 -5.03 -5.84 23.76
N SER A 328 -5.18 -5.60 25.05
CA SER A 328 -4.92 -6.63 26.04
C SER A 328 -5.38 -6.22 27.40
N GLU A 329 -5.56 -7.21 28.26
CA GLU A 329 -5.80 -6.99 29.70
C GLU A 329 -4.48 -6.75 30.48
N PHE A 330 -3.36 -7.00 29.81
CA PHE A 330 -2.03 -6.67 30.32
C PHE A 330 -1.58 -5.42 29.58
N ARG A 331 -0.64 -4.68 30.15
CA ARG A 331 -0.19 -3.46 29.50
C ARG A 331 0.93 -3.70 28.50
N TRP A 332 0.69 -4.63 27.57
CA TRP A 332 1.59 -4.85 26.44
C TRP A 332 0.89 -5.67 25.35
N PRO A 333 1.34 -5.61 24.11
CA PRO A 333 2.20 -4.54 23.58
C PRO A 333 1.42 -3.25 23.44
N LEU A 334 2.08 -2.25 22.88
CA LEU A 334 1.38 -1.05 22.45
C LEU A 334 1.16 -1.26 20.96
N ALA A 335 -0.10 -1.16 20.53
CA ALA A 335 -0.51 -1.51 19.18
C ALA A 335 -1.23 -0.34 18.51
N ILE A 336 -1.43 -0.47 17.21
CA ILE A 336 -2.12 0.52 16.41
C ILE A 336 -3.17 -0.19 15.54
N SER A 337 -4.35 0.42 15.48
CA SER A 337 -5.43 -0.01 14.60
C SER A 337 -5.80 1.17 13.69
N LEU A 338 -6.07 0.89 12.42
CA LEU A 338 -6.41 1.92 11.42
C LEU A 338 -7.89 1.88 11.00
N SER A 339 -8.37 3.04 10.54
CA SER A 339 -9.75 3.25 10.09
C SER A 339 -9.71 4.31 9.02
N LYS A 340 -10.49 4.08 7.95
CA LYS A 340 -10.66 5.07 6.89
C LYS A 340 -11.67 6.17 7.23
N ASP A 341 -12.60 5.88 8.15
CA ASP A 341 -13.70 6.80 8.44
C ASP A 341 -13.82 7.24 9.89
N GLY A 342 -12.92 6.79 10.76
CA GLY A 342 -13.01 7.15 12.17
C GLY A 342 -14.03 6.38 13.01
N LEU A 343 -14.73 5.40 12.41
CA LEU A 343 -15.67 4.57 13.13
C LEU A 343 -15.28 3.11 13.10
N GLU A 344 -15.16 2.52 11.91
CA GLU A 344 -14.74 1.13 11.77
C GLU A 344 -13.23 0.97 11.70
N TYR A 345 -12.66 0.22 12.64
CA TYR A 345 -11.25 -0.07 12.65
C TYR A 345 -11.07 -1.50 12.22
N THR A 346 -10.11 -1.73 11.35
CA THR A 346 -9.99 -2.99 10.63
C THR A 346 -8.65 -3.69 10.74
N THR A 347 -7.63 -3.05 11.32
CA THR A 347 -6.30 -3.62 11.43
C THR A 347 -5.78 -3.62 12.87
N LEU A 348 -4.76 -4.43 13.11
CA LEU A 348 -4.06 -4.46 14.40
C LEU A 348 -2.61 -4.84 14.17
N ASN A 349 -1.72 -3.91 14.46
CA ASN A 349 -0.27 -4.09 14.29
C ASN A 349 0.47 -3.46 15.47
N LEU A 350 1.77 -3.71 15.52
CA LEU A 350 2.63 -3.31 16.63
C LEU A 350 3.18 -1.89 16.48
N VAL A 351 3.19 -1.16 17.59
CA VAL A 351 3.92 0.09 17.71
C VAL A 351 5.16 -0.18 18.57
N HIS A 352 4.97 -0.66 19.80
CA HIS A 352 6.05 -0.92 20.74
C HIS A 352 5.83 -2.29 21.38
N GLY A 353 6.75 -3.22 21.11
CA GLY A 353 6.61 -4.63 21.53
C GLY A 353 7.62 -5.13 22.52
N GLU A 354 8.49 -4.23 23.00
CA GLU A 354 9.51 -4.54 23.99
C GLU A 354 9.03 -4.15 25.41
N ILE A 355 9.53 -4.84 26.42
CA ILE A 355 9.29 -4.45 27.79
C ILE A 355 10.64 -4.45 28.51
N THR A 356 11.18 -3.25 28.70
CA THR A 356 12.27 -3.01 29.63
C THR A 356 11.88 -3.65 30.98
N PRO A 357 12.81 -4.35 31.66
CA PRO A 357 12.50 -4.76 33.02
C PRO A 357 12.28 -3.52 33.93
N ARG A 359 13.10 -1.60 36.88
CA ARG A 359 14.29 -1.51 37.71
C ARG A 359 13.98 -1.11 39.14
N TYR A 360 12.95 -0.28 39.33
CA TYR A 360 12.61 0.23 40.64
C TYR A 360 11.18 -0.15 40.98
N GLY A 361 11.02 -0.92 42.06
CA GLY A 361 9.72 -1.25 42.59
C GLY A 361 9.00 0.01 43.04
N GLY A 362 7.69 -0.12 43.22
CA GLY A 362 6.86 1.00 43.64
C GLY A 362 5.35 0.79 43.55
N ASN A 363 4.64 1.46 44.46
CA ASN A 363 3.18 1.44 44.59
CA ASN A 363 3.20 1.34 44.56
C ASN A 363 2.51 1.65 43.22
N TYR A 364 1.69 0.70 42.79
CA TYR A 364 0.87 0.75 41.56
C TYR A 364 1.63 0.83 40.23
N LYS A 365 2.95 0.68 40.27
CA LYS A 365 3.72 0.54 39.05
C LYS A 365 3.40 -0.82 38.42
N SER A 366 3.01 -0.82 37.14
CA SER A 366 2.70 -2.05 36.43
C SER A 366 3.52 -2.17 35.13
N TYR A 367 3.68 -3.40 34.65
CA TYR A 367 4.63 -3.69 33.57
C TYR A 367 4.12 -3.28 32.20
N GLY A 368 4.97 -2.61 31.42
CA GLY A 368 4.80 -2.50 29.98
C GLY A 368 4.54 -1.10 29.46
N PRO A 369 4.54 -0.94 28.13
CA PRO A 369 4.24 0.37 27.53
C PRO A 369 2.76 0.71 27.75
N GLN A 370 2.48 1.94 28.14
CA GLN A 370 1.13 2.27 28.62
C GLN A 370 0.84 3.77 28.63
N PRO A 372 -0.90 5.75 26.43
CA PRO A 372 -0.69 6.48 25.20
C PRO A 372 -1.52 7.76 25.14
N ARG A 373 -0.92 8.80 24.60
CA ARG A 373 -1.56 10.08 24.49
C ARG A 373 -0.78 10.85 23.44
N GLY A 374 -1.53 11.51 22.55
CA GLY A 374 -0.98 12.21 21.40
C GLY A 374 -1.40 13.67 21.52
N ILE A 375 -1.39 14.35 20.38
CA ILE A 375 -1.67 15.75 20.33
C ILE A 375 -3.16 15.97 20.03
N GLN A 376 -3.83 16.72 20.91
CA GLN A 376 -5.20 17.11 20.69
C GLN A 376 -5.37 17.93 19.41
N GLU A 377 -6.56 17.84 18.82
CA GLU A 377 -6.89 18.67 17.67
C GLU A 377 -6.80 20.13 18.06
N GLY A 378 -6.08 20.90 17.26
CA GLY A 378 -5.86 22.32 17.53
C GLY A 378 -4.56 22.62 18.28
N ASN A 379 -3.89 21.60 18.82
CA ASN A 379 -2.64 21.79 19.54
C ASN A 379 -1.41 21.42 18.72
N GLY A 380 -1.52 21.49 17.40
CA GLY A 380 -0.39 21.43 16.48
C GLY A 380 -0.31 20.19 15.64
N VAL A 381 0.27 20.35 14.46
CA VAL A 381 0.50 19.24 13.52
C VAL A 381 1.99 19.16 13.26
N PRO A 382 2.63 18.07 13.71
CA PRO A 382 4.06 18.00 13.46
C PRO A 382 4.38 18.05 11.96
N ALA A 383 5.43 18.79 11.64
CA ALA A 383 5.80 19.15 10.26
C ALA A 383 6.06 17.94 9.36
N ASP A 384 6.55 16.84 9.92
CA ASP A 384 6.81 15.63 9.11
C ASP A 384 5.52 14.88 8.67
N GLY A 385 4.37 15.29 9.19
CA GLY A 385 3.08 14.72 8.84
C GLY A 385 2.76 13.40 9.54
N ASP A 386 3.68 12.92 10.37
CA ASP A 386 3.58 11.59 10.93
C ASP A 386 2.83 11.62 12.26
N LEU A 387 2.59 10.41 12.78
CA LEU A 387 1.86 10.19 14.03
C LEU A 387 2.83 10.00 15.17
N TRP A 388 2.78 10.90 16.16
CA TRP A 388 3.65 10.85 17.32
C TRP A 388 2.80 10.64 18.55
N VAL A 389 3.17 9.62 19.32
CA VAL A 389 2.43 9.22 20.50
C VAL A 389 3.40 9.08 21.65
N SER A 390 3.05 9.73 22.76
CA SER A 390 3.76 9.60 24.02
C SER A 390 3.18 8.47 24.86
N TYR A 391 4.02 7.88 25.71
CA TYR A 391 3.65 6.79 26.62
C TYR A 391 4.80 6.55 27.64
N SER A 392 4.50 5.87 28.74
CA SER A 392 5.53 5.50 29.69
C SER A 392 5.74 4.02 29.53
N VAL A 393 6.87 3.54 30.03
CA VAL A 393 7.08 2.11 30.13
C VAL A 393 7.29 1.82 31.60
N ASN A 394 6.47 0.90 32.14
CA ASN A 394 6.49 0.52 33.56
C ASN A 394 6.18 1.65 34.54
N LYS A 395 5.59 2.75 34.08
CA LYS A 395 5.53 3.99 34.90
C LYS A 395 6.90 4.37 35.46
N GLU A 396 7.92 4.21 34.62
CA GLU A 396 9.32 4.40 35.04
C GLU A 396 10.14 5.20 34.04
N ASP A 397 10.10 4.77 32.78
CA ASP A 397 10.82 5.42 31.71
C ASP A 397 9.82 6.10 30.77
N TRP A 399 8.84 7.55 27.05
CA TRP A 399 9.10 7.24 25.65
C TRP A 399 8.21 8.07 24.71
N ILE A 400 8.64 8.12 23.45
CA ILE A 400 7.79 8.59 22.35
C ILE A 400 7.94 7.61 21.17
N SER A 401 6.91 7.47 20.35
CA SER A 401 7.03 6.71 19.11
C SER A 401 6.57 7.56 17.96
N ARG A 402 7.34 7.51 16.88
CA ARG A 402 6.97 8.11 15.62
C ARG A 402 6.47 6.98 14.69
N ILE A 403 5.29 7.17 14.15
CA ILE A 403 4.68 6.22 13.22
C ILE A 403 4.47 6.93 11.87
N PRO A 404 5.17 6.47 10.81
CA PRO A 404 5.01 7.15 9.50
C PRO A 404 3.60 7.07 8.93
N VAL A 405 3.17 8.18 8.34
CA VAL A 405 1.85 8.36 7.74
C VAL A 405 2.08 8.77 6.28
N PRO A 406 1.34 8.18 5.33
CA PRO A 406 0.33 7.12 5.58
C PRO A 406 0.91 5.84 6.18
N VAL A 407 0.12 5.20 7.04
CA VAL A 407 0.60 4.04 7.80
C VAL A 407 0.66 2.84 6.88
N GLN A 408 1.83 2.27 6.67
CA GLN A 408 2.03 1.12 5.77
C GLN A 408 2.19 -0.13 6.63
N ILE A 409 1.48 -1.20 6.31
CA ILE A 409 1.62 -2.49 6.98
C ILE A 409 2.80 -3.29 6.41
N ASN A 410 2.83 -3.46 5.09
CA ASN A 410 3.85 -4.30 4.46
C ASN A 410 4.81 -3.48 3.67
N ALA A 411 6.00 -4.02 3.49
CA ALA A 411 7.00 -3.38 2.67
C ALA A 411 6.66 -3.73 1.21
N SER A 412 6.71 -2.76 0.32
CA SER A 412 6.39 -2.95 -1.08
C SER A 412 7.64 -3.22 -1.94
N ALA A 413 8.82 -3.07 -1.35
CA ALA A 413 10.07 -3.34 -2.00
C ALA A 413 11.07 -3.94 -1.03
N HIS A 414 11.96 -4.75 -1.59
CA HIS A 414 13.10 -5.29 -0.90
C HIS A 414 14.09 -4.19 -0.53
N ALA A 415 14.96 -4.54 0.40
CA ALA A 415 15.96 -3.65 0.92
C ALA A 415 17.09 -3.50 -0.08
N ASP A 416 17.55 -2.27 -0.22
CA ASP A 416 18.80 -1.99 -0.90
C ASP A 416 19.26 -0.63 -0.36
N ASP A 417 19.87 -0.66 0.82
CA ASP A 417 19.97 0.49 1.69
C ASP A 417 21.40 0.90 1.80
N ASP A 418 21.66 2.17 1.51
CA ASP A 418 22.95 2.80 1.68
C ASP A 418 22.74 3.90 2.72
N PHE A 419 23.24 3.67 3.94
CA PHE A 419 22.98 4.57 5.07
C PHE A 419 23.68 5.93 4.96
N SER A 420 24.73 6.02 4.12
CA SER A 420 25.45 7.28 3.86
C SER A 420 24.54 8.29 3.16
N LYS A 421 23.49 7.81 2.52
CA LYS A 421 22.49 8.69 1.92
C LYS A 421 21.54 9.33 2.94
N SER A 422 21.63 8.94 4.20
CA SER A 422 20.77 9.49 5.25
C SER A 422 21.60 10.28 6.22
N GLY A 423 21.18 11.50 6.52
CA GLY A 423 21.89 12.38 7.44
C GLY A 423 21.61 12.09 8.91
N SER A 424 20.46 11.50 9.21
CA SER A 424 20.04 11.20 10.59
C SER A 424 19.03 10.05 10.55
N ILE A 425 18.77 9.44 11.72
CA ILE A 425 17.85 8.30 11.78
C ILE A 425 16.41 8.66 11.40
N ALA A 426 16.02 9.92 11.61
CA ALA A 426 14.74 10.41 11.13
C ALA A 426 14.51 10.13 9.64
N GLU A 427 15.58 9.98 8.86
CA GLU A 427 15.46 9.66 7.43
C GLU A 427 15.42 8.16 7.12
N LEU A 428 15.55 7.31 8.14
CA LEU A 428 15.39 5.87 7.96
C LEU A 428 13.93 5.46 8.02
N THR A 429 13.21 5.88 6.98
CA THR A 429 11.77 5.66 6.79
C THR A 429 11.39 4.18 6.66
N ASN A 430 12.30 3.37 6.16
CA ASN A 430 12.08 1.94 5.97
C ASN A 430 12.61 1.05 7.10
N TRP A 431 13.13 1.65 8.18
CA TRP A 431 13.67 0.89 9.31
C TRP A 431 12.84 1.11 10.55
N ASN A 432 12.55 0.02 11.26
CA ASN A 432 11.95 0.08 12.59
C ASN A 432 13.09 0.14 13.59
N ILE A 433 13.00 1.08 14.52
CA ILE A 433 14.10 1.41 15.41
C ILE A 433 13.58 1.47 16.85
N TYR A 434 14.32 0.80 17.73
CA TYR A 434 14.08 0.78 19.16
C TYR A 434 15.36 1.32 19.79
N SER A 435 15.29 2.50 20.41
CA SER A 435 16.48 3.26 20.80
C SER A 435 16.39 3.79 22.25
N PRO A 436 16.74 2.93 23.24
CA PRO A 436 16.86 3.38 24.64
C PRO A 436 18.02 4.35 24.79
N VAL A 437 17.95 5.21 25.81
CA VAL A 437 18.98 6.27 26.02
C VAL A 437 20.37 5.64 26.15
N TRP A 438 20.45 4.52 26.87
CA TRP A 438 21.73 3.82 27.12
C TRP A 438 22.02 2.67 26.15
N ALA A 439 21.17 2.50 25.13
CA ALA A 439 21.44 1.60 24.04
C ALA A 439 20.99 2.24 22.71
N PRO A 440 21.56 3.41 22.37
CA PRO A 440 21.02 4.21 21.28
C PRO A 440 21.38 3.69 19.90
N VAL A 441 20.51 3.98 18.93
CA VAL A 441 20.77 3.68 17.55
C VAL A 441 21.11 4.99 16.84
N SER A 442 22.12 4.98 15.96
CA SER A 442 22.55 6.20 15.30
C SER A 442 23.20 5.88 13.98
N LEU A 443 23.47 6.91 13.19
CA LEU A 443 24.22 6.78 11.95
C LEU A 443 25.66 7.25 12.12
N GLU A 444 26.55 6.59 11.38
CA GLU A 444 27.95 6.97 11.33
C GLU A 444 28.41 6.72 9.90
N GLY A 445 28.13 7.69 9.03
CA GLY A 445 28.44 7.58 7.61
C GLY A 445 27.68 6.44 6.97
N GLU A 446 28.43 5.45 6.47
CA GLU A 446 27.88 4.28 5.77
C GLU A 446 27.20 3.29 6.75
N TRP A 447 27.44 3.48 8.05
CA TRP A 447 27.05 2.53 9.08
C TRP A 447 25.78 2.94 9.86
N LEU A 448 24.87 1.98 9.99
CA LEU A 448 23.84 2.03 11.02
C LEU A 448 24.46 1.43 12.28
N LYS A 449 24.54 2.21 13.35
CA LYS A 449 25.27 1.79 14.57
C LYS A 449 24.30 1.50 15.69
N LEU A 450 24.56 0.38 16.37
CA LEU A 450 23.87 -0.01 17.56
C LEU A 450 24.88 0.05 18.70
N GLN A 451 24.58 0.84 19.73
CA GLN A 451 25.39 0.90 20.96
C GLN A 451 24.56 0.37 22.12
N ASP A 452 25.24 -0.19 23.13
CA ASP A 452 24.60 -0.81 24.29
C ASP A 452 25.51 -0.77 25.54
N LYS A 453 25.15 0.09 26.50
CA LYS A 453 25.78 0.08 27.82
C LYS A 453 24.72 -0.11 28.90
N ASP A 454 23.57 -0.65 28.52
CA ASP A 454 22.44 -0.75 29.41
C ASP A 454 22.33 -2.18 29.87
N PRO A 455 22.47 -2.46 31.17
CA PRO A 455 22.30 -3.84 31.65
C PRO A 455 20.90 -4.38 31.56
N PHE A 456 19.93 -3.50 31.35
CA PHE A 456 18.53 -3.84 31.38
C PHE A 456 17.79 -3.66 30.05
N ASP A 457 18.50 -3.32 28.98
CA ASP A 457 17.84 -3.12 27.69
C ASP A 457 18.89 -3.28 26.59
N TYR A 458 18.46 -3.16 25.33
CA TYR A 458 19.32 -3.32 24.18
C TYR A 458 18.87 -2.40 23.06
N ALA A 459 19.76 -2.23 22.09
CA ALA A 459 19.45 -1.53 20.83
C ALA A 459 18.86 -2.56 19.90
N LYS A 460 17.92 -2.13 19.07
CA LYS A 460 17.30 -3.05 18.13
C LYS A 460 16.80 -2.30 16.91
N VAL A 461 17.13 -2.83 15.72
CA VAL A 461 16.62 -2.38 14.44
C VAL A 461 15.97 -3.59 13.71
N GLU A 462 14.86 -3.34 12.99
CA GLU A 462 14.15 -4.35 12.20
C GLU A 462 13.96 -3.79 10.80
N ARG A 463 14.32 -4.56 9.79
CA ARG A 463 14.02 -4.21 8.38
C ARG A 463 12.87 -5.09 7.90
N LYS A 464 11.69 -4.49 7.76
CA LYS A 464 10.57 -5.18 7.15
C LYS A 464 10.74 -5.25 5.62
N ILE A 465 10.51 -6.42 5.04
CA ILE A 465 10.66 -6.66 3.59
C ILE A 465 9.43 -7.40 3.10
N PRO A 466 9.23 -7.48 1.76
CA PRO A 466 8.13 -8.30 1.24
C PRO A 466 8.26 -9.76 1.70
N ALA A 467 7.15 -10.29 2.19
CA ALA A 467 7.06 -11.66 2.68
C ALA A 467 7.58 -12.60 1.61
N SER A 468 8.59 -13.40 1.95
CA SER A 468 9.35 -14.17 0.97
C SER A 468 9.57 -15.62 1.42
N LYS A 469 9.48 -16.54 0.45
CA LYS A 469 9.70 -17.97 0.68
C LYS A 469 11.15 -18.33 0.44
N GLU A 470 11.69 -17.83 -0.68
CA GLU A 470 13.13 -17.87 -0.96
C GLU A 470 13.67 -16.45 -0.74
N LEU A 471 14.70 -16.34 0.10
CA LEU A 471 15.23 -15.05 0.51
C LEU A 471 16.75 -15.05 0.55
N LYS A 472 17.35 -14.03 -0.06
CA LYS A 472 18.76 -13.70 0.20
C LYS A 472 18.81 -12.39 0.92
N VAL A 473 19.67 -12.32 1.93
CA VAL A 473 19.88 -11.16 2.77
C VAL A 473 21.38 -10.96 2.82
N SER A 474 21.88 -9.79 2.43
CA SER A 474 23.28 -9.52 2.61
C SER A 474 23.51 -8.16 3.26
N PHE A 475 24.65 -8.06 3.94
CA PHE A 475 25.01 -6.84 4.63
C PHE A 475 26.44 -6.94 5.07
N ASP A 476 27.06 -5.79 5.29
CA ASP A 476 28.37 -5.70 5.90
C ASP A 476 28.21 -5.50 7.40
N LEU A 477 29.06 -6.15 8.18
CA LEU A 477 28.94 -6.22 9.63
C LEU A 477 30.30 -5.97 10.23
N SER A 478 30.33 -5.11 11.23
CA SER A 478 31.53 -4.87 12.02
C SER A 478 31.15 -4.79 13.49
N ALA A 479 31.96 -5.39 14.35
CA ALA A 479 31.77 -5.32 15.79
C ALA A 479 32.90 -4.52 16.43
N GLY A 480 32.59 -3.64 17.36
CA GLY A 480 33.62 -2.87 18.07
C GLY A 480 34.42 -3.61 19.14
N GLN A 481 34.15 -4.91 19.29
CA GLN A 481 34.75 -5.74 20.34
C GLN A 481 34.40 -7.19 20.01
N ASN A 482 35.11 -8.14 20.60
CA ASN A 482 34.76 -9.56 20.51
C ASN A 482 34.89 -10.34 21.86
N ASP A 483 34.96 -9.61 22.97
CA ASP A 483 35.13 -10.24 24.28
C ASP A 483 34.00 -9.86 25.25
N LYS A 484 32.97 -9.19 24.74
CA LYS A 484 31.82 -8.77 25.54
C LYS A 484 30.63 -8.45 24.61
N GLY A 485 29.44 -8.35 25.19
CA GLY A 485 28.24 -8.04 24.43
C GLY A 485 27.71 -9.22 23.63
N ILE A 486 26.54 -9.01 23.04
CA ILE A 486 25.94 -9.99 22.15
C ILE A 486 25.18 -9.25 21.06
N LEU A 487 25.23 -9.79 19.83
CA LEU A 487 24.34 -9.34 18.75
C LEU A 487 23.58 -10.53 18.23
N GLN A 488 22.25 -10.48 18.30
CA GLN A 488 21.41 -11.52 17.67
C GLN A 488 20.82 -11.00 16.38
N ILE A 489 20.86 -11.82 15.34
CA ILE A 489 20.26 -11.52 14.04
C ILE A 489 19.19 -12.59 13.73
N ASP A 490 17.94 -12.16 13.71
CA ASP A 490 16.79 -13.05 13.60
C ASP A 490 16.04 -12.83 12.28
N PHE A 491 15.53 -13.91 11.70
CA PHE A 491 14.70 -13.84 10.50
C PHE A 491 13.29 -14.25 10.91
N LEU A 492 12.36 -13.33 10.82
CA LEU A 492 11.03 -13.48 11.42
C LEU A 492 9.89 -13.52 10.41
N ASP A 493 8.87 -14.32 10.75
CA ASP A 493 7.58 -14.25 10.08
C ASP A 493 6.66 -13.21 10.76
N GLU A 494 5.45 -13.14 10.24
CA GLU A 494 4.45 -12.17 10.68
C GLU A 494 3.90 -12.46 12.07
N ASN A 495 4.18 -13.64 12.64
CA ASN A 495 3.79 -13.95 14.01
C ASN A 495 4.96 -13.99 15.00
N SER A 496 6.04 -13.32 14.63
CA SER A 496 7.27 -13.28 15.41
C SER A 496 7.91 -14.65 15.63
N ILE A 497 7.65 -15.61 14.75
CA ILE A 497 8.41 -16.85 14.78
C ILE A 497 9.74 -16.55 14.08
N ALA A 498 10.85 -16.82 14.78
CA ALA A 498 12.17 -16.72 14.16
C ALA A 498 12.48 -18.09 13.62
N CYS A 499 12.73 -18.15 12.31
CA CYS A 499 13.11 -19.42 11.71
C CYS A 499 14.60 -19.75 11.89
N SER A 500 15.42 -18.73 12.06
CA SER A 500 16.83 -18.93 12.34
C SER A 500 17.37 -17.74 13.09
N ARG A 501 18.54 -17.91 13.69
CA ARG A 501 19.22 -16.86 14.42
C ARG A 501 20.73 -16.99 14.22
N LEU A 502 21.39 -15.85 13.99
CA LEU A 502 22.85 -15.75 14.00
C LEU A 502 23.23 -14.90 15.20
N GLU A 503 24.41 -15.15 15.77
CA GLU A 503 24.84 -14.51 17.03
C GLU A 503 26.30 -14.15 16.97
N LEU A 504 26.66 -12.93 17.37
CA LEU A 504 28.04 -12.64 17.73
C LEU A 504 28.09 -12.76 19.23
N THR A 505 28.89 -13.69 19.75
CA THR A 505 28.91 -14.01 21.19
C THR A 505 30.02 -13.24 21.92
N PRO A 506 29.88 -13.12 23.25
CA PRO A 506 30.93 -12.46 24.03
C PRO A 506 32.23 -13.24 24.18
N ASP A 507 32.29 -14.49 23.71
CA ASP A 507 33.59 -15.20 23.57
C ASP A 507 34.14 -15.27 22.14
N GLY A 508 33.72 -14.35 21.29
CA GLY A 508 34.34 -14.14 19.98
C GLY A 508 33.90 -15.10 18.90
N ILE A 509 32.71 -15.69 19.03
CA ILE A 509 32.24 -16.68 18.06
C ILE A 509 31.04 -16.11 17.27
N PHE A 510 31.04 -16.33 15.96
CA PHE A 510 29.90 -16.03 15.12
C PHE A 510 29.24 -17.39 14.92
N ARG A 511 28.02 -17.55 15.43
CA ARG A 511 27.36 -18.87 15.42
C ARG A 511 25.91 -18.81 14.99
N LYS A 513 22.02 -20.73 15.34
CA LYS A 513 21.20 -21.61 16.16
C LYS A 513 20.53 -22.64 15.25
N GLY A 514 20.80 -23.93 15.48
CA GLY A 514 20.15 -25.02 14.75
C GLY A 514 18.98 -25.75 15.43
N GLY A 515 18.72 -25.44 16.69
CA GLY A 515 17.76 -26.14 17.53
C GLY A 515 18.24 -25.92 18.95
N SER A 516 18.38 -26.98 19.74
CA SER A 516 18.98 -26.84 21.07
C SER A 516 20.48 -26.52 20.99
N ARG A 517 21.12 -26.93 19.91
CA ARG A 517 22.54 -26.70 19.66
C ARG A 517 22.81 -25.62 18.61
N PHE A 518 24.08 -25.25 18.53
CA PHE A 518 24.55 -24.17 17.69
C PHE A 518 25.64 -24.66 16.77
N ALA A 519 25.73 -24.04 15.61
CA ALA A 519 26.87 -24.25 14.72
C ALA A 519 27.81 -23.07 14.91
N ASN A 520 29.02 -23.37 15.38
CA ASN A 520 30.05 -22.35 15.42
C ASN A 520 30.61 -22.20 14.02
N ASN A 523 35.47 -17.68 14.29
CA ASN A 523 35.86 -16.64 15.26
C ASN A 523 35.82 -15.30 14.56
N TYR A 524 35.36 -14.27 15.25
CA TYR A 524 35.34 -12.93 14.67
C TYR A 524 36.26 -12.03 15.47
N GLU A 525 36.76 -11.01 14.81
CA GLU A 525 37.67 -10.05 15.41
C GLU A 525 36.98 -8.70 15.47
N ALA A 526 37.41 -7.87 16.40
CA ALA A 526 36.91 -6.51 16.54
C ALA A 526 37.44 -5.63 15.41
N GLY A 527 36.67 -4.65 14.97
CA GLY A 527 37.13 -3.64 14.01
C GLY A 527 37.29 -4.10 12.56
N LYS A 528 36.76 -5.26 12.23
CA LYS A 528 36.93 -5.87 10.92
C LYS A 528 35.54 -5.93 10.28
N THR A 529 35.50 -5.64 8.98
CA THR A 529 34.27 -5.65 8.22
C THR A 529 34.13 -7.03 7.52
N TYR A 530 33.01 -7.71 7.80
CA TYR A 530 32.68 -9.00 7.23
C TYR A 530 31.46 -8.83 6.31
N HIS A 531 31.55 -9.36 5.10
CA HIS A 531 30.41 -9.37 4.22
C HIS A 531 29.61 -10.65 4.45
N VAL A 532 28.41 -10.49 4.98
CA VAL A 532 27.56 -11.62 5.35
C VAL A 532 26.45 -11.78 4.34
N GLU A 533 26.25 -13.01 3.85
CA GLU A 533 25.10 -13.33 2.99
CA GLU A 533 25.15 -13.34 2.96
C GLU A 533 24.40 -14.54 3.57
N ALA A 534 23.10 -14.43 3.78
CA ALA A 534 22.28 -15.50 4.28
C ALA A 534 21.27 -15.88 3.19
N VAL A 535 21.19 -17.17 2.86
CA VAL A 535 20.24 -17.69 1.89
C VAL A 535 19.30 -18.65 2.62
N LEU A 536 18.01 -18.30 2.65
CA LEU A 536 16.98 -19.00 3.39
C LEU A 536 15.93 -19.56 2.41
N SER A 537 15.48 -20.79 2.64
CA SER A 537 14.39 -21.39 1.85
C SER A 537 13.35 -21.96 2.81
N THR A 538 12.13 -21.46 2.75
CA THR A 538 11.07 -21.97 3.62
C THR A 538 10.65 -23.37 3.22
N ALA A 539 10.61 -23.62 1.92
CA ALA A 539 10.24 -24.95 1.37
C ALA A 539 11.28 -26.03 1.70
N ASP A 540 12.56 -25.71 1.60
CA ASP A 540 13.61 -26.65 2.02
C ASP A 540 13.93 -26.53 3.51
N ARG A 541 13.43 -25.48 4.16
CA ARG A 541 13.53 -25.29 5.60
C ARG A 541 14.99 -25.16 6.04
N ASN A 542 15.80 -24.43 5.28
CA ASN A 542 17.22 -24.23 5.63
C ASN A 542 17.79 -22.86 5.34
N ILE A 543 18.90 -22.60 6.03
CA ILE A 543 19.64 -21.36 5.95
C ILE A 543 21.12 -21.72 5.68
N GLN A 544 21.71 -21.05 4.69
CA GLN A 544 23.13 -21.10 4.40
C GLN A 544 23.71 -19.72 4.62
N VAL A 545 24.86 -19.65 5.27
CA VAL A 545 25.47 -18.38 5.62
C VAL A 545 26.84 -18.32 4.97
N TYR A 546 27.12 -17.18 4.34
CA TYR A 546 28.40 -16.95 3.71
C TYR A 546 29.03 -15.74 4.38
N VAL A 547 30.34 -15.83 4.58
CA VAL A 547 31.12 -14.69 5.02
C VAL A 547 32.24 -14.48 4.03
N ASP A 548 32.33 -13.25 3.53
CA ASP A 548 33.36 -12.86 2.54
C ASP A 548 33.39 -13.85 1.37
N GLY A 549 32.22 -14.28 0.92
CA GLY A 549 32.13 -15.19 -0.21
C GLY A 549 32.27 -16.69 0.08
N LYS A 550 32.58 -17.09 1.30
CA LYS A 550 32.76 -18.51 1.64
C LYS A 550 31.67 -19.02 2.57
N ARG A 551 31.16 -20.20 2.25
CA ARG A 551 30.14 -20.80 3.09
C ARG A 551 30.71 -21.24 4.42
N VAL A 552 30.10 -20.77 5.50
CA VAL A 552 30.54 -21.09 6.86
C VAL A 552 29.48 -21.79 7.73
N GLY A 553 28.26 -21.89 7.23
CA GLY A 553 27.20 -22.49 8.01
C GLY A 553 26.06 -22.95 7.13
N LEU A 554 25.58 -24.17 7.42
CA LEU A 554 24.32 -24.71 6.90
C LEU A 554 23.53 -25.37 8.06
N ARG A 555 22.26 -25.02 8.18
CA ARG A 555 21.40 -25.63 9.19
C ARG A 555 19.97 -25.60 8.75
N PHE A 557 16.13 -24.64 9.61
CA PHE A 557 15.44 -23.70 10.48
C PHE A 557 15.18 -24.36 11.84
N TYR A 558 15.36 -23.62 12.93
CA TYR A 558 14.96 -24.15 14.23
C TYR A 558 13.45 -24.00 14.49
N ALA A 559 12.77 -23.18 13.68
CA ALA A 559 11.32 -23.09 13.67
C ALA A 559 10.84 -22.92 12.24
N PRO A 560 9.81 -23.66 11.83
CA PRO A 560 9.29 -23.49 10.48
C PRO A 560 8.44 -22.22 10.34
N VAL A 561 8.51 -21.61 9.16
CA VAL A 561 7.65 -20.47 8.81
C VAL A 561 7.19 -20.61 7.34
N ALA A 562 6.11 -19.93 6.98
CA ALA A 562 5.63 -19.93 5.61
C ALA A 562 6.45 -18.97 4.78
N THR A 563 6.66 -17.77 5.32
CA THR A 563 7.44 -16.73 4.68
C THR A 563 8.17 -15.95 5.73
N ILE A 564 9.20 -15.25 5.28
CA ILE A 564 10.02 -14.39 6.10
C ILE A 564 9.75 -12.96 5.69
N GLU A 565 9.42 -12.12 6.66
CA GLU A 565 9.11 -10.71 6.37
C GLU A 565 10.01 -9.68 7.08
N ARG A 566 10.86 -10.12 8.01
CA ARG A 566 11.68 -9.22 8.80
C ARG A 566 13.04 -9.78 9.13
N ILE A 567 14.04 -8.90 9.09
CA ILE A 567 15.35 -9.17 9.65
C ILE A 567 15.53 -8.20 10.83
N VAL A 568 15.94 -8.75 11.98
CA VAL A 568 16.03 -8.05 13.25
C VAL A 568 17.48 -8.13 13.72
N PHE A 569 18.01 -6.99 14.16
CA PHE A 569 19.36 -6.91 14.72
C PHE A 569 19.17 -6.37 16.14
N ARG A 570 19.57 -7.15 17.15
CA ARG A 570 19.30 -6.83 18.55
C ARG A 570 20.54 -7.07 19.41
N THR A 571 20.92 -6.11 20.26
CA THR A 571 22.17 -6.22 21.03
C THR A 571 21.97 -6.95 22.37
N GLY A 572 21.12 -7.97 22.38
CA GLY A 572 20.76 -8.67 23.62
C GLY A 572 19.81 -9.83 23.35
N GLU A 573 19.59 -10.63 24.38
CA GLU A 573 18.63 -11.72 24.33
C GLU A 573 17.30 -11.17 24.77
N ARG A 575 13.95 -11.14 26.85
CA ARG A 575 13.60 -11.55 28.22
C ARG A 575 12.22 -12.15 28.16
N THR A 576 12.03 -13.27 28.85
CA THR A 576 10.69 -13.86 28.96
C THR A 576 9.82 -13.09 29.99
N PHE A 577 10.43 -12.65 31.09
CA PHE A 577 9.77 -11.83 32.11
C PHE A 577 9.41 -10.44 31.53
N PRO A 578 8.22 -9.90 31.80
CA PRO A 578 7.10 -10.53 32.52
C PRO A 578 6.19 -11.42 31.66
N THR A 579 5.53 -12.36 32.30
CA THR A 579 4.58 -13.25 31.64
C THR A 579 3.18 -12.90 32.15
N VAL A 580 2.19 -13.59 31.58
CA VAL A 580 0.80 -13.55 32.08
C VAL A 580 0.66 -14.08 33.51
N ASP A 581 1.64 -14.86 33.99
CA ASP A 581 1.65 -15.34 35.39
C ASP A 581 2.48 -14.51 36.40
N THR A 582 3.19 -13.50 35.94
CA THR A 582 3.92 -12.60 36.83
C THR A 582 2.97 -11.81 37.74
N PRO A 583 3.29 -11.74 39.06
CA PRO A 583 2.48 -10.90 39.92
C PRO A 583 2.40 -9.43 39.47
N ALA A 584 1.26 -8.81 39.76
CA ALA A 584 0.98 -7.43 39.31
C ALA A 584 1.90 -6.38 39.94
N ASP A 585 2.30 -6.60 41.19
CA ASP A 585 2.99 -5.61 42.00
C ASP A 585 4.47 -6.00 42.15
N GLN A 586 5.33 -4.99 42.06
CA GLN A 586 6.76 -5.17 42.24
C GLN A 586 7.20 -4.27 43.39
N THR A 587 7.59 -4.90 44.49
CA THR A 587 8.08 -4.19 45.67
C THR A 587 9.61 -4.16 45.75
N TYR A 588 10.32 -4.81 44.84
CA TYR A 588 11.79 -4.90 44.95
C TYR A 588 12.42 -4.02 43.88
N ASP A 589 13.66 -3.61 44.09
CA ASP A 589 14.48 -3.05 43.03
C ASP A 589 15.34 -4.18 42.50
N LEU A 590 15.66 -4.10 41.22
CA LEU A 590 16.62 -5.03 40.64
C LEU A 590 18.05 -4.71 41.16
N PRO A 591 18.88 -5.75 41.34
CA PRO A 591 20.24 -5.48 41.81
C PRO A 591 21.01 -4.59 40.86
N ASP A 592 21.71 -3.61 41.41
CA ASP A 592 22.52 -2.66 40.62
C ASP A 592 21.64 -1.91 39.61
N ALA A 593 20.49 -1.45 40.10
CA ALA A 593 19.45 -0.84 39.28
C ALA A 593 19.90 0.35 38.43
N GLY A 594 20.88 1.10 38.90
CA GLY A 594 21.37 2.28 38.18
C GLY A 594 22.72 2.09 37.54
N GLY A 595 23.24 0.86 37.54
CA GLY A 595 24.57 0.60 36.97
C GLY A 595 24.59 0.52 35.44
N GLN A 596 25.79 0.44 34.88
CA GLN A 596 26.07 0.29 33.46
C GLN A 596 26.75 -1.03 33.14
N GLU A 597 26.63 -1.45 31.88
CA GLU A 597 27.36 -2.59 31.29
C GLU A 597 28.49 -1.94 30.56
N PRO A 598 29.62 -2.63 30.38
CA PRO A 598 30.63 -2.05 29.48
C PRO A 598 30.10 -1.94 28.04
N LEU A 599 30.48 -0.87 27.36
CA LEU A 599 29.92 -0.56 26.05
C LEU A 599 30.19 -1.63 25.01
N ALA A 600 29.13 -2.05 24.31
CA ALA A 600 29.24 -2.91 23.12
C ALA A 600 28.67 -2.13 21.96
N GLU A 601 29.39 -2.17 20.82
CA GLU A 601 28.98 -1.53 19.59
C GLU A 601 28.92 -2.55 18.46
N TYR A 602 27.93 -2.37 17.57
CA TYR A 602 27.85 -3.11 16.30
C TYR A 602 27.47 -2.15 15.19
N ARG A 603 27.96 -2.41 14.00
CA ARG A 603 27.67 -1.60 12.85
C ARG A 603 27.23 -2.44 11.64
N ILE A 604 26.20 -1.99 10.92
CA ILE A 604 25.82 -2.64 9.66
C ILE A 604 25.75 -1.62 8.53
N ALA A 605 25.97 -2.11 7.31
CA ALA A 605 25.94 -1.30 6.12
C ALA A 605 25.50 -2.11 4.91
N ASN A 606 24.97 -1.42 3.91
CA ASN A 606 24.69 -1.99 2.59
C ASN A 606 23.75 -3.20 2.70
N VAL A 607 22.62 -2.97 3.36
CA VAL A 607 21.69 -4.03 3.63
C VAL A 607 20.89 -4.24 2.35
N LYS A 608 20.98 -5.44 1.76
CA LYS A 608 20.17 -5.86 0.60
C LYS A 608 19.39 -7.13 0.87
N THR A 609 18.15 -7.15 0.39
CA THR A 609 17.39 -8.38 0.33
C THR A 609 16.89 -8.59 -1.10
N SER A 610 16.64 -9.86 -1.42
CA SER A 610 15.99 -10.23 -2.68
C SER A 610 15.33 -11.59 -2.52
N SER A 611 14.41 -11.85 -3.44
CA SER A 611 13.71 -13.10 -3.49
C SER A 611 13.61 -13.62 -4.93
N THR A 612 13.79 -14.93 -5.09
CA THR A 612 13.54 -15.61 -6.36
C THR A 612 12.11 -16.19 -6.45
N ASP A 613 11.22 -15.82 -5.52
CA ASP A 613 9.83 -16.25 -5.59
C ASP A 613 9.29 -15.81 -6.96
N LYS A 614 8.48 -16.67 -7.56
CA LYS A 614 7.93 -16.41 -8.90
C LYS A 614 7.18 -15.08 -9.01
N ASP A 615 6.49 -14.68 -7.95
CA ASP A 615 5.79 -13.40 -7.91
C ASP A 615 6.47 -12.34 -7.05
N ALA A 616 7.77 -12.49 -6.81
CA ALA A 616 8.56 -11.44 -6.08
C ALA A 616 8.61 -10.08 -6.79
N SER A 617 8.37 -10.10 -8.10
CA SER A 617 8.33 -8.89 -8.91
C SER A 617 7.01 -8.07 -8.70
N SER A 618 6.00 -8.68 -8.06
CA SER A 618 4.74 -8.04 -7.73
C SER A 618 4.84 -7.32 -6.39
N ALA A 619 4.53 -6.04 -6.35
CA ALA A 619 4.77 -5.22 -5.16
C ALA A 619 3.67 -5.30 -4.09
N PHE A 620 2.41 -5.41 -4.49
CA PHE A 620 1.26 -5.45 -3.58
C PHE A 620 0.49 -6.76 -3.74
N LEU A 621 0.16 -7.17 -4.96
CA LEU A 621 -0.61 -8.39 -5.15
C LEU A 621 0.28 -9.63 -5.16
N LYS A 622 -0.28 -10.75 -4.70
CA LYS A 622 0.40 -12.02 -4.69
C LYS A 622 -0.44 -13.09 -5.38
N TYR A 623 0.24 -13.93 -6.16
CA TYR A 623 -0.44 -14.92 -6.97
C TYR A 623 -1.26 -15.87 -6.11
N ALA A 624 -0.78 -16.21 -4.91
CA ALA A 624 -1.57 -17.08 -3.98
C ALA A 624 -2.99 -16.58 -3.71
N ASP A 625 -3.22 -15.28 -3.76
CA ASP A 625 -4.60 -14.79 -3.61
C ASP A 625 -5.49 -14.92 -4.86
N PHE A 626 -4.90 -15.29 -5.99
CA PHE A 626 -5.64 -15.46 -7.25
C PHE A 626 -5.60 -16.86 -7.86
N SER A 627 -4.86 -17.78 -7.23
CA SER A 627 -4.69 -19.10 -7.76
C SER A 627 -5.97 -19.91 -7.74
N HIS A 628 -6.93 -19.54 -6.88
CA HIS A 628 -8.27 -20.12 -6.92
C HIS A 628 -8.96 -20.05 -8.31
N TYR A 629 -8.66 -19.03 -9.12
CA TYR A 629 -9.27 -18.93 -10.47
C TYR A 629 -8.87 -20.11 -11.34
N ALA A 630 -7.56 -20.32 -11.54
CA ALA A 630 -7.07 -21.48 -12.33
C ALA A 630 -7.66 -22.78 -11.83
N GLU A 631 -7.67 -22.95 -10.50
CA GLU A 631 -8.23 -24.14 -9.86
C GLU A 631 -9.71 -24.32 -10.20
N SER A 632 -10.52 -23.27 -10.06
CA SER A 632 -11.94 -23.31 -10.47
C SER A 632 -12.10 -23.63 -11.97
N PHE A 633 -11.32 -22.98 -12.81
CA PHE A 633 -11.41 -23.20 -14.26
C PHE A 633 -11.06 -24.65 -14.63
N ASN A 634 -10.04 -25.20 -13.98
CA ASN A 634 -9.66 -26.59 -14.21
C ASN A 634 -10.74 -27.61 -13.80
N GLY A 635 -11.47 -27.32 -12.72
CA GLY A 635 -12.49 -28.20 -12.18
C GLY A 635 -13.87 -28.06 -12.78
N GLU A 637 -15.14 -27.84 -15.91
CA GLU A 637 -15.46 -28.51 -17.18
C GLU A 637 -14.27 -29.37 -17.61
N ASP A 638 -14.51 -30.30 -18.52
CA ASP A 638 -13.44 -31.17 -19.04
C ASP A 638 -12.39 -30.36 -19.83
N GLU A 639 -11.18 -30.89 -19.82
CA GLU A 639 -10.09 -30.41 -20.66
C GLU A 639 -10.17 -31.18 -21.99
N ASN A 640 -10.72 -30.55 -23.02
CA ASN A 640 -10.99 -31.25 -24.28
C ASN A 640 -9.75 -31.53 -25.10
N ILE A 641 -8.82 -30.57 -25.12
CA ILE A 641 -7.61 -30.66 -25.93
C ILE A 641 -6.44 -30.10 -25.14
N VAL A 642 -5.35 -30.86 -25.08
CA VAL A 642 -4.15 -30.47 -24.34
C VAL A 642 -3.03 -30.12 -25.32
N GLN A 643 -2.46 -28.93 -25.20
CA GLN A 643 -1.30 -28.55 -26.01
C GLN A 643 -0.08 -28.43 -25.10
N ALA A 644 0.77 -27.42 -25.24
CA ALA A 644 2.05 -27.44 -24.52
C ALA A 644 1.92 -27.32 -23.00
N ILE A 645 0.89 -26.64 -22.52
CA ILE A 645 0.72 -26.36 -21.11
C ILE A 645 -0.63 -26.90 -20.68
N PRO A 646 -0.63 -28.15 -20.14
CA PRO A 646 -1.85 -28.74 -19.64
C PRO A 646 -2.47 -27.92 -18.51
N ASN A 647 -3.76 -28.12 -18.27
CA ASN A 647 -4.48 -27.51 -17.15
C ASN A 647 -3.74 -27.73 -15.83
N ALA A 648 -3.15 -28.92 -15.66
CA ALA A 648 -2.41 -29.25 -14.45
C ALA A 648 -1.16 -28.32 -14.24
N LYS A 649 -0.60 -27.76 -15.32
CA LYS A 649 0.56 -26.86 -15.26
C LYS A 649 0.20 -25.38 -15.41
N ALA A 650 -1.09 -25.10 -15.57
CA ALA A 650 -1.55 -23.79 -15.96
C ALA A 650 -1.39 -22.73 -14.87
N SER A 651 -1.65 -23.11 -13.61
CA SER A 651 -1.55 -22.16 -12.49
C SER A 651 -0.11 -21.74 -12.30
N GLU A 652 0.79 -22.70 -12.37
CA GLU A 652 2.23 -22.43 -12.26
C GLU A 652 2.71 -21.53 -13.41
N TRP A 653 2.31 -21.87 -14.63
CA TRP A 653 2.59 -21.03 -15.78
C TRP A 653 2.06 -19.60 -15.58
N GLU A 655 1.42 -18.00 -12.74
CA GLU A 655 2.22 -17.36 -11.72
C GLU A 655 3.56 -16.80 -12.26
N GLU A 656 4.19 -17.52 -13.17
CA GLU A 656 5.44 -17.07 -13.85
C GLU A 656 5.23 -15.96 -14.86
N ASN A 657 4.07 -15.92 -15.51
CA ASN A 657 3.88 -15.09 -16.70
C ASN A 657 2.93 -13.93 -16.62
N ILE A 658 1.90 -13.98 -15.77
CA ILE A 658 0.87 -12.97 -15.88
C ILE A 658 1.03 -11.76 -14.98
N PRO A 659 0.77 -10.55 -15.51
CA PRO A 659 0.52 -9.46 -14.58
C PRO A 659 -0.69 -9.81 -13.73
N LEU A 660 -0.73 -9.27 -12.52
CA LEU A 660 -1.85 -9.56 -11.61
C LEU A 660 -2.80 -8.37 -11.53
N PHE A 661 -4.09 -8.64 -11.38
CA PHE A 661 -5.12 -7.62 -11.37
C PHE A 661 -6.16 -7.92 -10.28
N GLU A 662 -6.69 -6.88 -9.67
CA GLU A 662 -7.90 -7.02 -8.88
C GLU A 662 -8.72 -5.77 -8.92
N CYS A 663 -10.01 -5.95 -8.69
CA CYS A 663 -10.92 -4.86 -8.54
C CYS A 663 -12.07 -5.42 -7.73
N PRO A 664 -13.02 -4.58 -7.27
CA PRO A 664 -14.15 -5.02 -6.43
C PRO A 664 -15.31 -5.66 -7.20
N GLN A 665 -15.22 -5.71 -8.52
CA GLN A 665 -16.28 -6.27 -9.34
C GLN A 665 -15.82 -7.65 -9.81
N ARG A 666 -16.52 -8.66 -9.34
CA ARG A 666 -16.15 -10.05 -9.53
C ARG A 666 -16.00 -10.45 -11.00
N ASN A 667 -16.91 -10.03 -11.85
CA ASN A 667 -16.88 -10.50 -13.24
C ASN A 667 -15.63 -10.03 -14.01
N PHE A 668 -15.24 -8.76 -13.86
CA PHE A 668 -14.02 -8.23 -14.47
C PHE A 668 -12.76 -8.96 -14.02
N GLU A 669 -12.68 -9.21 -12.73
CA GLU A 669 -11.54 -9.87 -12.15
C GLU A 669 -11.48 -11.32 -12.66
N GLU A 670 -12.59 -12.03 -12.60
CA GLU A 670 -12.65 -13.42 -13.06
C GLU A 670 -12.28 -13.52 -14.53
N TYR A 672 -10.41 -11.48 -16.29
CA TYR A 672 -9.00 -11.23 -16.39
C TYR A 672 -8.24 -12.54 -16.32
N TYR A 673 -8.50 -13.29 -15.27
CA TYR A 673 -7.79 -14.54 -15.07
C TYR A 673 -8.21 -15.60 -16.07
N TYR A 674 -9.50 -15.66 -16.40
CA TYR A 674 -9.96 -16.65 -17.36
C TYR A 674 -9.28 -16.50 -18.73
N ARG A 675 -9.14 -15.29 -19.23
CA ARG A 675 -8.63 -15.09 -20.58
C ARG A 675 -7.15 -15.40 -20.65
N TRP A 676 -6.42 -15.20 -19.54
CA TRP A 676 -5.04 -15.68 -19.52
C TRP A 676 -4.98 -17.21 -19.54
N TRP A 677 -5.83 -17.85 -18.73
CA TRP A 677 -5.90 -19.30 -18.62
C TRP A 677 -6.30 -19.93 -19.97
N SER A 678 -7.18 -19.24 -20.67
CA SER A 678 -7.62 -19.66 -21.96
C SER A 678 -6.51 -19.50 -23.00
N LEU A 679 -5.96 -18.30 -23.11
CA LEU A 679 -4.87 -18.02 -24.06
C LEU A 679 -3.75 -19.04 -23.94
N ARG A 680 -3.41 -19.41 -22.71
CA ARG A 680 -2.31 -20.33 -22.46
C ARG A 680 -2.49 -21.70 -23.15
N LYS A 681 -3.74 -22.12 -23.34
CA LYS A 681 -4.03 -23.38 -24.03
C LYS A 681 -3.50 -23.39 -25.45
N HIS A 682 -3.32 -22.20 -26.03
CA HIS A 682 -2.94 -22.06 -27.43
C HIS A 682 -1.44 -22.04 -27.69
N ILE A 683 -0.64 -22.11 -26.64
CA ILE A 683 0.77 -22.31 -26.83
C ILE A 683 0.97 -23.78 -27.22
N LYS A 684 1.55 -24.00 -28.39
CA LYS A 684 1.71 -25.35 -28.96
C LYS A 684 3.17 -25.68 -29.25
N GLU A 685 3.64 -26.86 -28.85
CA GLU A 685 5.01 -27.28 -29.22
C GLU A 685 5.02 -27.65 -30.71
N THR A 686 6.06 -27.21 -31.42
CA THR A 686 6.27 -27.63 -32.83
C THR A 686 7.74 -27.95 -33.02
N PRO A 687 8.11 -28.66 -34.08
CA PRO A 687 9.55 -28.91 -34.28
C PRO A 687 10.42 -27.66 -34.45
N VAL A 688 9.84 -26.50 -34.78
CA VAL A 688 10.59 -25.25 -34.86
C VAL A 688 10.41 -24.29 -33.67
N GLY A 689 9.84 -24.79 -32.58
CA GLY A 689 9.55 -23.95 -31.41
C GLY A 689 8.06 -23.72 -31.26
N TYR A 690 7.71 -22.90 -30.27
CA TYR A 690 6.32 -22.67 -29.94
C TYR A 690 5.58 -21.96 -31.06
N GLY A 691 4.32 -22.41 -31.26
CA GLY A 691 3.35 -21.78 -32.14
C GLY A 691 2.18 -21.33 -31.30
N THR A 693 -1.99 -21.17 -31.72
CA THR A 693 -3.21 -21.51 -32.43
C THR A 693 -4.34 -20.49 -32.23
N GLU A 694 -5.36 -20.62 -33.07
CA GLU A 694 -6.61 -19.86 -33.05
C GLU A 694 -7.75 -20.79 -32.57
N PHE A 695 -7.98 -21.86 -33.36
CA PHE A 695 -8.85 -22.98 -32.99
C PHE A 695 -7.97 -24.04 -32.35
N LEU A 696 -8.45 -24.65 -31.28
CA LEU A 696 -7.78 -25.84 -30.71
C LEU A 696 -8.02 -27.07 -31.60
N VAL A 697 -9.26 -27.23 -32.06
CA VAL A 697 -9.58 -28.30 -33.00
C VAL A 697 -8.84 -28.15 -34.34
N GLN A 698 -8.61 -29.29 -34.99
CA GLN A 698 -7.82 -29.36 -36.22
C GLN A 698 -8.61 -28.77 -37.38
N ARG A 699 -8.16 -27.66 -37.94
CA ARG A 699 -8.86 -27.07 -39.10
C ARG A 699 -8.25 -27.51 -40.44
N SER A 700 -9.09 -27.72 -41.43
CA SER A 700 -8.65 -28.24 -42.74
C SER A 700 -7.90 -27.20 -43.61
N TYR A 701 -8.00 -25.92 -43.26
CA TYR A 701 -7.38 -24.83 -44.05
C TYR A 701 -6.19 -24.22 -43.33
N SER A 702 -5.81 -24.81 -42.20
CA SER A 702 -4.73 -24.25 -41.42
C SER A 702 -3.40 -24.55 -42.09
N ASP A 703 -2.35 -23.83 -41.70
CA ASP A 703 -1.00 -24.11 -42.17
C ASP A 703 -0.46 -25.25 -41.31
N LYS A 704 0.85 -25.47 -41.34
CA LYS A 704 1.50 -26.48 -40.48
C LYS A 704 1.16 -26.21 -39.01
N TYR A 705 1.11 -27.28 -38.22
CA TYR A 705 0.84 -27.19 -36.78
C TYR A 705 -0.48 -26.50 -36.42
N ASN A 706 -1.48 -26.63 -37.29
CA ASN A 706 -2.80 -26.03 -37.12
C ASN A 706 -2.80 -24.47 -37.02
N LEU A 707 -1.79 -23.83 -37.60
CA LEU A 707 -1.68 -22.38 -37.51
C LEU A 707 -2.58 -21.67 -38.51
N ILE A 708 -3.30 -20.67 -38.01
CA ILE A 708 -4.15 -19.82 -38.83
C ILE A 708 -3.73 -18.35 -38.59
N ALA A 709 -3.51 -17.61 -39.68
CA ALA A 709 -2.90 -16.27 -39.60
C ALA A 709 -3.84 -15.11 -39.29
N CYS A 710 -5.12 -15.37 -39.35
CA CYS A 710 -6.15 -14.33 -39.28
C CYS A 710 -5.97 -13.35 -38.12
N ALA A 711 -5.78 -13.90 -36.92
CA ALA A 711 -5.72 -13.11 -35.67
C ALA A 711 -4.32 -12.92 -35.05
N ILE A 712 -3.26 -13.07 -35.83
CA ILE A 712 -1.88 -12.91 -35.30
C ILE A 712 -1.70 -11.57 -34.59
N GLY A 713 -2.22 -10.49 -35.19
CA GLY A 713 -2.15 -9.15 -34.59
C GLY A 713 -2.70 -9.10 -33.15
N HIS A 714 -3.90 -9.65 -32.96
CA HIS A 714 -4.48 -9.85 -31.64
C HIS A 714 -3.59 -10.73 -30.75
N HIS A 715 -3.08 -11.85 -31.28
CA HIS A 715 -2.21 -12.75 -30.52
C HIS A 715 -1.00 -12.02 -29.92
N ILE A 716 -0.40 -11.14 -30.72
CA ILE A 716 0.78 -10.40 -30.29
C ILE A 716 0.39 -9.32 -29.30
N TYR A 717 -0.68 -8.59 -29.58
CA TYR A 717 -1.14 -7.52 -28.67
C TYR A 717 -1.51 -8.07 -27.29
N GLU A 718 -2.11 -9.26 -27.24
CA GLU A 718 -2.43 -9.89 -25.97
C GLU A 718 -1.21 -10.49 -25.31
N SER A 719 -0.42 -11.23 -26.07
CA SER A 719 0.68 -12.00 -25.51
C SER A 719 1.89 -11.17 -25.14
N ARG A 720 1.94 -9.91 -25.56
CA ARG A 720 3.10 -9.07 -25.28
C ARG A 720 3.28 -8.80 -23.78
N TRP A 721 2.23 -9.04 -22.99
CA TRP A 721 2.24 -8.84 -21.53
C TRP A 721 2.77 -10.00 -20.72
N LEU A 722 2.97 -11.16 -21.37
CA LEU A 722 3.51 -12.32 -20.71
C LEU A 722 4.97 -12.07 -20.38
N ARG A 723 5.36 -12.39 -19.15
CA ARG A 723 6.65 -11.97 -18.61
C ARG A 723 7.81 -12.76 -19.18
N ASP A 724 7.62 -14.07 -19.41
CA ASP A 724 8.68 -14.89 -19.98
C ASP A 724 8.67 -14.68 -21.52
N PRO A 725 9.74 -14.07 -22.06
CA PRO A 725 9.69 -13.73 -23.48
C PRO A 725 9.78 -14.92 -24.42
N LYS A 726 10.16 -16.11 -23.94
CA LYS A 726 10.43 -17.21 -24.88
C LYS A 726 9.22 -17.64 -25.70
N TYR A 727 8.02 -17.54 -25.13
CA TYR A 727 6.77 -17.96 -25.81
C TYR A 727 6.51 -17.12 -27.05
N LEU A 728 6.37 -15.82 -26.85
CA LEU A 728 6.09 -14.91 -27.95
C LEU A 728 7.28 -14.76 -28.94
N ASP A 729 8.51 -14.84 -28.45
CA ASP A 729 9.69 -14.85 -29.33
C ASP A 729 9.54 -15.97 -30.39
N GLN A 730 9.25 -17.17 -29.90
CA GLN A 730 9.12 -18.37 -30.73
C GLN A 730 7.89 -18.36 -31.62
N ILE A 731 6.75 -17.94 -31.06
CA ILE A 731 5.48 -17.82 -31.79
C ILE A 731 5.64 -16.97 -33.04
N ILE A 732 6.25 -15.81 -32.89
CA ILE A 732 6.57 -14.93 -34.00
C ILE A 732 7.59 -15.58 -34.93
N HIS A 733 8.71 -16.09 -34.41
CA HIS A 733 9.71 -16.70 -35.30
C HIS A 733 9.14 -17.90 -36.06
N THR A 734 8.22 -18.64 -35.44
CA THR A 734 7.56 -19.76 -36.09
C THR A 734 6.77 -19.31 -37.34
N TRP A 735 6.00 -18.22 -37.22
CA TRP A 735 5.29 -17.65 -38.36
C TRP A 735 6.22 -17.21 -39.47
N TYR A 736 7.34 -16.57 -39.12
CA TYR A 736 8.19 -15.92 -40.15
C TYR A 736 9.37 -16.77 -40.65
N ARG A 737 9.78 -17.75 -39.85
CA ARG A 737 10.94 -18.58 -40.19
C ARG A 737 10.68 -20.08 -40.03
N GLY A 738 9.45 -20.48 -39.77
CA GLY A 738 9.18 -21.85 -39.41
C GLY A 738 8.87 -22.76 -40.57
N ASN A 739 8.97 -22.26 -41.79
CA ASN A 739 8.70 -23.03 -43.01
C ASN A 739 9.99 -23.12 -43.85
N ASP A 740 10.84 -24.10 -43.52
CA ASP A 740 12.19 -24.23 -44.11
C ASP A 740 12.99 -22.93 -44.00
N GLY A 741 12.99 -22.32 -42.81
CA GLY A 741 13.69 -21.06 -42.57
C GLY A 741 12.95 -19.78 -43.03
N GLY A 742 11.85 -19.94 -43.76
CA GLY A 742 11.08 -18.82 -44.31
C GLY A 742 9.65 -18.74 -43.75
N PRO A 743 8.88 -17.75 -44.23
CA PRO A 743 7.54 -17.55 -43.70
C PRO A 743 6.54 -18.67 -44.05
N LYS A 745 3.48 -20.38 -45.50
CA LYS A 745 2.84 -20.14 -46.79
C LYS A 745 1.47 -19.44 -46.65
N LYS A 746 0.68 -19.83 -45.65
CA LYS A 746 -0.70 -19.34 -45.52
C LYS A 746 -0.86 -18.02 -44.78
N ASP A 748 -0.36 -15.59 -46.60
CA ASP A 748 -1.02 -14.94 -47.70
C ASP A 748 -2.57 -15.10 -47.69
N LYS A 749 -3.14 -15.87 -46.77
CA LYS A 749 -4.58 -16.10 -46.73
C LYS A 749 -5.35 -15.10 -45.88
N PHE A 750 -4.64 -14.29 -45.08
CA PHE A 750 -5.30 -13.30 -44.23
C PHE A 750 -4.54 -11.99 -44.18
N SER A 751 -5.30 -10.90 -44.19
CA SER A 751 -4.77 -9.57 -44.03
C SER A 751 -3.93 -9.51 -42.76
N SER A 752 -2.97 -8.58 -42.76
CA SER A 752 -1.98 -8.48 -41.69
C SER A 752 -1.77 -7.05 -41.19
N TRP A 753 -1.80 -6.89 -39.86
CA TRP A 753 -1.23 -5.70 -39.19
C TRP A 753 -0.03 -6.08 -38.36
N ASN A 754 0.74 -7.06 -38.82
CA ASN A 754 1.78 -7.64 -37.98
C ASN A 754 3.01 -6.79 -37.74
N ALA A 755 3.34 -5.89 -38.67
CA ALA A 755 4.44 -4.99 -38.39
C ALA A 755 4.06 -4.03 -37.27
N ASP A 756 2.84 -3.49 -37.33
CA ASP A 756 2.31 -2.71 -36.18
C ASP A 756 2.34 -3.50 -34.89
N ALA A 757 1.91 -4.76 -34.93
CA ALA A 757 1.91 -5.60 -33.75
C ALA A 757 3.31 -5.89 -33.18
N VAL A 758 4.30 -6.12 -34.05
CA VAL A 758 5.67 -6.32 -33.59
C VAL A 758 6.25 -5.05 -32.95
N LEU A 759 6.01 -3.88 -33.53
CA LEU A 759 6.39 -2.64 -32.86
C LEU A 759 5.63 -2.48 -31.51
N ALA A 760 4.33 -2.83 -31.46
CA ALA A 760 3.56 -2.78 -30.20
C ALA A 760 4.19 -3.66 -29.11
N ARG A 761 4.73 -4.82 -29.51
CA ARG A 761 5.41 -5.69 -28.58
C ARG A 761 6.64 -5.01 -28.04
N TYR A 762 7.45 -4.44 -28.93
CA TYR A 762 8.63 -3.68 -28.53
C TYR A 762 8.32 -2.54 -27.55
N VAL A 764 6.10 -2.48 -25.30
CA VAL A 764 5.95 -3.08 -23.98
C VAL A 764 7.29 -3.59 -23.46
N ASP A 765 7.97 -4.48 -24.20
CA ASP A 765 9.11 -5.16 -23.60
C ASP A 765 10.48 -4.47 -23.73
N GLY A 766 10.62 -3.50 -24.61
CA GLY A 766 11.88 -2.79 -24.81
C GLY A 766 13.02 -3.60 -25.40
N ASP A 767 12.78 -4.81 -25.89
CA ASP A 767 13.85 -5.67 -26.43
C ASP A 767 14.22 -5.25 -27.87
N LYS A 768 15.23 -4.39 -27.97
CA LYS A 768 15.67 -3.80 -29.24
C LYS A 768 16.16 -4.86 -30.21
N ASP A 769 16.98 -5.81 -29.74
CA ASP A 769 17.57 -6.81 -30.64
C ASP A 769 16.55 -7.75 -31.29
N PHE A 770 15.51 -8.14 -30.58
CA PHE A 770 14.45 -8.93 -31.18
C PHE A 770 13.75 -8.17 -32.33
N LEU A 772 14.82 -5.37 -33.98
CA LEU A 772 15.76 -5.05 -35.08
C LEU A 772 15.97 -6.25 -35.99
N ASP A 773 16.11 -7.43 -35.39
CA ASP A 773 16.28 -8.69 -36.13
C ASP A 773 15.06 -9.13 -36.95
N THR A 775 13.02 -6.93 -38.58
CA THR A 775 12.75 -5.83 -39.53
C THR A 775 12.69 -6.31 -41.00
N LYS A 776 13.69 -7.05 -41.46
CA LYS A 776 13.69 -7.55 -42.84
C LYS A 776 12.51 -8.45 -43.14
N ASP A 777 12.19 -9.34 -42.20
CA ASP A 777 11.05 -10.25 -42.32
C ASP A 777 9.75 -9.49 -42.50
N LEU A 778 9.60 -8.39 -41.76
CA LEU A 778 8.41 -7.53 -41.87
C LEU A 778 8.35 -6.74 -43.17
N GLU A 779 9.51 -6.34 -43.70
CA GLU A 779 9.56 -5.67 -45.02
C GLU A 779 9.16 -6.61 -46.13
N THR A 780 9.70 -7.82 -46.10
CA THR A 780 9.31 -8.85 -47.05
C THR A 780 7.78 -9.08 -47.00
N GLU A 781 7.21 -9.18 -45.79
CA GLU A 781 5.76 -9.31 -45.66
C GLU A 781 5.02 -8.12 -46.31
N TYR A 782 5.43 -6.90 -45.94
CA TYR A 782 4.79 -5.68 -46.43
C TYR A 782 4.80 -5.64 -47.97
N GLN A 783 5.98 -5.85 -48.55
CA GLN A 783 6.15 -5.76 -49.99
C GLN A 783 5.29 -6.78 -50.76
N ARG A 784 5.04 -7.96 -50.16
CA ARG A 784 4.22 -8.99 -50.77
C ARG A 784 2.78 -8.47 -50.88
N TRP A 785 2.23 -7.96 -49.77
CA TRP A 785 0.89 -7.37 -49.81
C TRP A 785 0.78 -6.21 -50.81
N GLU A 786 1.77 -5.34 -50.80
CA GLU A 786 1.86 -4.22 -51.73
C GLU A 786 1.88 -4.65 -53.19
N ARG A 787 2.62 -5.72 -53.47
CA ARG A 787 2.70 -6.28 -54.82
C ARG A 787 1.37 -6.94 -55.27
N THR A 788 0.70 -7.65 -54.36
CA THR A 788 -0.46 -8.46 -54.73
C THR A 788 -1.82 -7.82 -54.55
N ASN A 789 -1.95 -6.79 -53.71
CA ASN A 789 -3.27 -6.35 -53.22
C ASN A 789 -3.64 -4.86 -53.33
N ARG A 790 -3.09 -4.18 -54.32
CA ARG A 790 -3.48 -2.78 -54.57
C ARG A 790 -4.23 -2.61 -55.89
N LEU A 791 -5.22 -1.74 -55.85
CA LEU A 791 -5.90 -1.23 -57.02
C LEU A 791 -4.99 -0.20 -57.71
N LYS A 792 -5.30 0.12 -58.97
CA LYS A 792 -4.55 1.12 -59.75
C LYS A 792 -4.51 2.50 -59.07
N ASN A 793 -5.59 2.86 -58.36
CA ASN A 793 -5.66 4.13 -57.59
C ASN A 793 -4.82 4.17 -56.28
N GLY A 794 -4.17 3.07 -55.91
CA GLY A 794 -3.29 3.03 -54.72
C GLY A 794 -3.91 2.41 -53.48
N LEU A 795 -5.25 2.34 -53.41
CA LEU A 795 -5.92 1.72 -52.27
C LEU A 795 -5.69 0.21 -52.31
N TYR A 796 -5.61 -0.38 -51.13
CA TYR A 796 -5.57 -1.84 -51.00
C TYR A 796 -6.99 -2.40 -51.19
N TRP A 797 -7.07 -3.60 -51.76
CA TRP A 797 -8.30 -4.36 -51.77
C TRP A 797 -8.10 -5.61 -50.98
N GLN A 798 -9.18 -6.15 -50.47
CA GLN A 798 -9.19 -7.50 -49.94
C GLN A 798 -10.57 -8.07 -50.04
N GLY A 799 -10.66 -9.35 -50.39
CA GLY A 799 -11.92 -10.08 -50.24
C GLY A 799 -12.30 -10.20 -48.78
N ASP A 800 -13.58 -10.07 -48.44
CA ASP A 800 -13.95 -10.02 -47.01
C ASP A 800 -13.61 -11.34 -46.28
N VAL A 801 -13.66 -12.46 -47.00
CA VAL A 801 -13.24 -13.77 -46.46
C VAL A 801 -11.76 -13.76 -45.99
N GLN A 802 -10.92 -13.04 -46.74
CA GLN A 802 -9.49 -12.93 -46.46
C GLN A 802 -9.15 -11.87 -45.41
N ASP A 803 -10.11 -11.03 -45.02
CA ASP A 803 -10.06 -10.34 -43.72
C ASP A 803 -10.55 -11.20 -42.56
N GLY A 804 -10.90 -12.47 -42.81
CA GLY A 804 -11.58 -13.31 -41.84
C GLY A 804 -13.03 -12.93 -41.60
N GLU A 806 -16.08 -13.25 -43.65
CA GLU A 806 -17.07 -13.70 -44.63
C GLU A 806 -18.51 -13.24 -44.31
N GLU A 807 -19.29 -13.05 -45.37
CA GLU A 807 -20.69 -12.61 -45.30
C GLU A 807 -20.89 -11.24 -44.63
N SER A 808 -19.94 -10.33 -44.80
CA SER A 808 -20.13 -8.96 -44.39
C SER A 808 -21.12 -8.33 -45.36
N ILE A 809 -21.77 -7.25 -44.94
CA ILE A 809 -22.68 -6.50 -45.79
C ILE A 809 -21.89 -5.80 -46.91
N SER A 810 -20.85 -5.03 -46.56
CA SER A 810 -20.13 -4.28 -47.61
C SER A 810 -19.45 -5.26 -48.57
N GLY A 811 -19.01 -6.36 -48.01
CA GLY A 811 -18.82 -7.55 -48.75
C GLY A 811 -17.49 -7.72 -49.40
N GLY A 812 -17.40 -8.91 -49.98
CA GLY A 812 -16.53 -9.20 -51.02
C GLY A 812 -16.01 -10.60 -51.15
N ARG A 813 -16.84 -11.66 -51.24
CA ARG A 813 -16.27 -12.98 -51.61
C ARG A 813 -15.80 -12.87 -53.05
N ASN A 814 -14.51 -13.10 -53.27
CA ASN A 814 -13.86 -12.91 -54.59
C ASN A 814 -14.06 -11.50 -55.16
N LYS A 815 -14.19 -10.49 -54.30
CA LYS A 815 -14.27 -9.10 -54.77
C LYS A 815 -12.99 -8.38 -54.37
N LYS A 816 -12.74 -7.28 -55.08
CA LYS A 816 -11.58 -6.45 -54.90
C LYS A 816 -12.06 -5.10 -54.46
N TYR A 817 -12.72 -5.08 -53.31
CA TYR A 817 -13.18 -3.84 -52.75
C TYR A 817 -12.11 -3.25 -51.82
N ALA A 818 -12.05 -1.93 -51.79
CA ALA A 818 -11.16 -1.21 -50.91
C ALA A 818 -11.81 -1.08 -49.54
N ARG A 819 -11.51 -2.05 -48.68
CA ARG A 819 -12.06 -2.13 -47.33
C ARG A 819 -11.16 -1.38 -46.32
N PRO A 820 -11.76 -0.69 -45.31
CA PRO A 820 -10.89 0.02 -44.35
C PRO A 820 -10.11 -0.88 -43.42
N THR A 821 -10.40 -2.19 -43.42
CA THR A 821 -9.53 -3.19 -42.81
C THR A 821 -8.10 -3.12 -43.35
N ILE A 822 -7.90 -3.62 -44.56
CA ILE A 822 -6.55 -3.81 -45.11
C ILE A 822 -5.84 -2.47 -45.32
N ASN A 823 -6.58 -1.43 -45.70
CA ASN A 823 -5.98 -0.09 -45.84
C ASN A 823 -5.43 0.50 -44.53
N SER A 824 -6.16 0.34 -43.43
CA SER A 824 -5.68 0.83 -42.15
C SER A 824 -4.52 -0.03 -41.67
N TYR A 825 -4.63 -1.34 -41.89
CA TYR A 825 -3.59 -2.26 -41.47
C TYR A 825 -2.25 -1.90 -42.16
N TYR A 827 -1.53 1.00 -43.57
CA TYR A 827 -1.12 2.27 -42.96
C TYR A 827 -0.30 2.02 -41.69
N GLY A 828 -0.88 1.25 -40.77
CA GLY A 828 -0.24 0.86 -39.52
C GLY A 828 1.10 0.19 -39.69
N ASN A 829 1.20 -0.74 -40.64
CA ASN A 829 2.45 -1.48 -40.89
C ASN A 829 3.53 -0.55 -41.43
N ALA A 830 3.12 0.29 -42.37
CA ALA A 830 3.99 1.32 -42.93
C ALA A 830 4.49 2.26 -41.85
N LYS A 831 3.60 2.76 -41.02
CA LYS A 831 3.98 3.69 -39.96
C LYS A 831 4.98 3.01 -39.01
N ALA A 832 4.70 1.77 -38.66
CA ALA A 832 5.53 1.00 -37.73
C ALA A 832 6.90 0.71 -38.33
N LEU A 833 6.93 0.35 -39.61
CA LEU A 833 8.20 0.09 -40.27
C LEU A 833 9.03 1.37 -40.42
N SER A 834 8.40 2.53 -40.59
CA SER A 834 9.12 3.80 -40.60
C SER A 834 9.84 4.04 -39.28
N ILE A 835 9.08 3.92 -38.19
CA ILE A 835 9.65 3.99 -36.84
C ILE A 835 10.78 2.97 -36.66
N GLY A 837 12.74 1.84 -38.93
CA GLY A 837 13.84 2.43 -39.69
C GLY A 837 14.65 3.40 -38.86
N ILE A 838 13.98 4.31 -38.15
CA ILE A 838 14.67 5.27 -37.29
C ILE A 838 15.43 4.56 -36.17
N LEU A 839 14.81 3.55 -35.53
CA LEU A 839 15.47 2.78 -34.47
C LEU A 839 16.63 1.92 -35.01
N SER A 840 16.54 1.49 -36.28
CA SER A 840 17.61 0.76 -36.97
C SER A 840 18.79 1.68 -37.33
N GLY A 841 18.66 3.01 -37.20
CA GLY A 841 19.56 3.97 -37.83
C GLY A 841 19.46 4.00 -39.36
N ASP A 842 18.35 3.51 -39.93
CA ASP A 842 18.17 3.46 -41.40
C ASP A 842 17.16 4.57 -41.82
N GLU A 843 17.74 5.74 -42.17
CA GLU A 843 16.97 6.94 -42.47
C GLU A 843 16.26 6.81 -43.83
N GLY A 844 16.86 6.09 -44.77
CA GLY A 844 16.19 5.77 -46.03
C GLY A 844 14.92 4.96 -45.84
N ALA A 846 13.19 4.72 -43.11
CA ALA A 846 12.24 5.58 -42.43
C ALA A 846 11.42 6.39 -43.42
N ARG A 848 11.11 5.87 -46.91
CA ARG A 848 10.35 4.96 -47.81
C ARG A 848 8.99 4.52 -47.20
N TYR A 849 9.00 4.14 -45.94
CA TYR A 849 7.78 3.66 -45.31
C TYR A 849 6.92 4.78 -44.73
N GLY A 850 7.52 5.89 -44.31
CA GLY A 850 6.78 7.09 -43.90
C GLY A 850 5.99 7.69 -45.05
N ARG A 852 4.85 5.88 -47.58
CA ARG A 852 3.74 4.94 -47.78
C ARG A 852 2.60 5.18 -46.80
N ALA A 853 2.96 5.51 -45.58
CA ALA A 853 2.01 5.87 -44.53
C ALA A 853 1.25 7.15 -44.89
N ASP A 854 1.94 8.24 -45.22
CA ASP A 854 1.23 9.47 -45.62
C ASP A 854 0.31 9.20 -46.81
N THR A 855 0.80 8.44 -47.79
CA THR A 855 0.02 8.10 -49.01
C THR A 855 -1.28 7.43 -48.61
N LEU A 856 -1.21 6.40 -47.75
CA LEU A 856 -2.39 5.61 -47.37
C LEU A 856 -3.34 6.37 -46.47
N LYS A 857 -2.79 7.13 -45.54
CA LYS A 857 -3.62 8.02 -44.72
C LYS A 857 -4.49 8.93 -45.61
N SER A 858 -3.86 9.58 -46.58
CA SER A 858 -4.60 10.42 -47.54
C SER A 858 -5.65 9.67 -48.32
N LEU A 859 -5.31 8.51 -48.82
CA LEU A 859 -6.27 7.70 -49.57
C LEU A 859 -7.44 7.26 -48.71
N VAL A 860 -7.20 6.85 -47.46
CA VAL A 860 -8.31 6.45 -46.60
C VAL A 860 -9.22 7.65 -46.33
N GLU A 861 -8.62 8.79 -46.00
CA GLU A 861 -9.38 9.98 -45.60
C GLU A 861 -10.20 10.56 -46.74
N ASN A 862 -9.59 10.58 -47.93
CA ASN A 862 -10.26 11.13 -49.11
C ASN A 862 -11.23 10.15 -49.75
N ASP A 863 -10.87 8.87 -49.83
CA ASP A 863 -11.62 7.89 -50.61
C ASP A 863 -12.55 7.01 -49.79
N LEU A 864 -12.22 6.69 -48.53
CA LEU A 864 -13.06 5.78 -47.73
C LEU A 864 -14.02 6.48 -46.78
N TRP A 865 -13.76 7.75 -46.49
CA TRP A 865 -14.69 8.57 -45.74
C TRP A 865 -15.93 8.81 -46.59
N ASN A 866 -17.06 8.27 -46.15
CA ASN A 866 -18.36 8.45 -46.83
C ASN A 866 -18.95 9.72 -46.25
N THR A 867 -19.12 10.76 -47.06
CA THR A 867 -19.57 12.07 -46.58
C THR A 867 -21.08 12.15 -46.33
N ARG A 868 -21.87 11.28 -46.96
CA ARG A 868 -23.32 11.21 -46.67
C ARG A 868 -23.54 10.65 -45.26
N HIS A 869 -22.89 9.53 -44.97
CA HIS A 869 -22.98 8.88 -43.65
C HIS A 869 -22.10 9.44 -42.54
N GLN A 870 -21.02 10.13 -42.91
CA GLN A 870 -19.99 10.55 -41.95
C GLN A 870 -19.45 9.33 -41.20
N PHE A 871 -18.72 8.52 -41.95
CA PHE A 871 -18.26 7.22 -41.47
C PHE A 871 -17.33 6.60 -42.52
N PHE A 872 -16.26 5.95 -42.06
CA PHE A 872 -15.34 5.25 -42.95
C PHE A 872 -15.97 3.96 -43.37
N GLU A 873 -16.01 3.74 -44.67
CA GLU A 873 -16.71 2.60 -45.25
C GLU A 873 -15.96 2.03 -46.46
N THR A 874 -16.28 0.77 -46.74
CA THR A 874 -15.75 0.04 -47.88
C THR A 874 -16.12 0.75 -49.16
N ARG A 876 -16.74 0.05 -52.89
CA ARG A 876 -16.92 -0.94 -53.96
C ARG A 876 -16.37 -0.36 -55.27
N THR A 877 -16.36 -1.19 -56.32
CA THR A 877 -15.85 -0.84 -57.64
C THR A 877 -16.17 0.59 -58.10
N ASP A 878 -17.42 1.02 -57.88
CA ASP A 878 -17.93 2.30 -58.36
C ASP A 878 -18.29 3.34 -57.31
N SER A 879 -18.96 2.91 -56.24
CA SER A 879 -19.35 3.82 -55.17
C SER A 879 -19.21 3.14 -53.81
N SER A 880 -19.47 3.92 -52.76
CA SER A 880 -19.41 3.41 -51.39
C SER A 880 -20.35 2.24 -51.20
N ALA A 881 -20.03 1.36 -50.25
CA ALA A 881 -20.91 0.28 -49.88
C ALA A 881 -22.14 0.79 -49.15
N ASN A 882 -22.09 2.02 -48.64
CA ASN A 882 -23.21 2.65 -47.95
C ASN A 882 -23.74 1.77 -46.83
N VAL A 883 -22.81 1.28 -46.00
CA VAL A 883 -23.12 0.56 -44.78
C VAL A 883 -22.06 0.89 -43.73
N ARG A 884 -22.51 1.33 -42.57
CA ARG A 884 -21.63 1.55 -41.44
C ARG A 884 -21.35 0.20 -40.78
N GLU A 885 -20.07 -0.18 -40.75
CA GLU A 885 -19.64 -1.44 -40.15
C GLU A 885 -18.61 -1.18 -39.06
N ALA A 886 -18.36 -2.19 -38.23
CA ALA A 886 -17.34 -2.05 -37.19
C ALA A 886 -15.96 -1.78 -37.79
N ILE A 887 -15.74 -2.29 -39.01
CA ILE A 887 -14.46 -2.09 -39.69
C ILE A 887 -14.17 -0.60 -39.93
N GLY A 888 -15.20 0.23 -39.95
CA GLY A 888 -15.02 1.68 -40.08
C GLY A 888 -14.33 2.38 -38.91
N TYR A 889 -14.21 1.68 -37.77
CA TYR A 889 -13.44 2.19 -36.64
C TYR A 889 -11.97 1.81 -36.68
N ILE A 890 -11.58 0.89 -37.55
CA ILE A 890 -10.19 0.41 -37.62
C ILE A 890 -9.16 1.51 -37.92
N PRO A 891 -9.52 2.54 -38.72
CA PRO A 891 -8.52 3.62 -38.85
C PRO A 891 -7.96 4.13 -37.50
N TRP A 892 -8.81 4.25 -36.48
CA TRP A 892 -8.37 4.69 -35.14
C TRP A 892 -7.55 3.65 -34.35
N TYR A 893 -7.65 2.38 -34.70
CA TYR A 893 -6.73 1.36 -34.17
C TYR A 893 -5.27 1.72 -34.41
N PHE A 894 -5.00 2.46 -35.49
CA PHE A 894 -3.64 2.88 -35.82
C PHE A 894 -3.47 4.37 -35.78
N ASN A 895 -4.38 5.07 -35.09
CA ASN A 895 -4.38 6.54 -35.04
C ASN A 895 -4.24 7.19 -36.42
N LEU A 896 -4.92 6.61 -37.42
CA LEU A 896 -4.83 7.12 -38.79
C LEU A 896 -5.47 8.50 -38.96
N PRO A 897 -6.73 8.68 -38.52
CA PRO A 897 -7.36 9.96 -38.89
C PRO A 897 -6.74 11.18 -38.20
N ASP A 898 -6.88 12.32 -38.86
CA ASP A 898 -6.63 13.64 -38.30
C ASP A 898 -7.53 13.95 -37.11
N THR A 899 -7.11 14.98 -36.37
CA THR A 899 -7.83 15.44 -35.19
C THR A 899 -9.03 16.35 -35.52
N THR A 900 -9.26 16.64 -36.80
CA THR A 900 -10.36 17.51 -37.18
C THR A 900 -11.73 16.98 -36.65
N LYS A 901 -12.62 17.90 -36.30
CA LYS A 901 -13.92 17.60 -35.67
C LYS A 901 -14.83 16.70 -36.50
N LYS A 902 -14.72 16.77 -37.83
CA LYS A 902 -15.65 16.05 -38.68
C LYS A 902 -15.62 14.53 -38.53
N TYR A 903 -14.47 13.92 -38.20
CA TYR A 903 -14.40 12.46 -38.04
C TYR A 903 -15.03 11.97 -36.73
N GLU A 904 -15.05 12.82 -35.69
CA GLU A 904 -15.64 12.50 -34.35
C GLU A 904 -17.01 11.85 -34.45
N VAL A 905 -17.85 12.43 -35.29
CA VAL A 905 -19.25 12.07 -35.36
C VAL A 905 -19.44 10.55 -35.60
N ALA A 906 -18.51 9.88 -36.28
CA ALA A 906 -18.54 8.40 -36.43
C ALA A 906 -18.72 7.63 -35.11
N TRP A 907 -18.08 8.16 -34.07
CA TRP A 907 -18.11 7.52 -32.77
C TRP A 907 -19.47 7.64 -32.04
N LYS A 908 -20.37 8.48 -32.54
CA LYS A 908 -21.71 8.57 -31.97
C LYS A 908 -22.49 7.26 -32.12
N GLU A 909 -22.13 6.47 -33.13
CA GLU A 909 -22.84 5.22 -33.39
C GLU A 909 -22.58 4.14 -32.34
N ILE A 910 -21.58 4.34 -31.51
CA ILE A 910 -21.33 3.49 -30.36
C ILE A 910 -22.51 3.54 -29.36
N ASP A 912 -25.72 4.46 -30.07
CA ASP A 912 -27.01 4.45 -30.75
C ASP A 912 -27.43 3.02 -30.99
N GLU A 913 -28.62 2.69 -30.53
CA GLU A 913 -29.23 1.37 -30.76
C GLU A 913 -29.46 1.05 -32.22
N LYS A 914 -29.56 2.09 -33.05
CA LYS A 914 -29.68 1.93 -34.48
C LYS A 914 -28.32 1.80 -35.13
N GLY A 915 -27.29 2.17 -34.39
CA GLY A 915 -25.91 1.94 -34.78
C GLY A 915 -25.35 0.64 -34.26
N PHE A 916 -24.34 0.74 -33.39
CA PHE A 916 -23.63 -0.43 -32.91
C PHE A 916 -24.03 -0.90 -31.51
N SER A 917 -24.80 -0.09 -30.79
CA SER A 917 -25.12 -0.42 -29.40
C SER A 917 -26.17 -1.51 -29.34
N ALA A 918 -25.81 -2.66 -28.78
CA ALA A 918 -26.74 -3.79 -28.62
C ALA A 918 -26.76 -4.30 -27.20
N PRO A 919 -27.77 -5.13 -26.84
CA PRO A 919 -27.81 -5.62 -25.47
C PRO A 919 -26.56 -6.38 -24.99
N TYR A 920 -25.88 -7.11 -25.86
CA TYR A 920 -24.64 -7.83 -25.45
C TYR A 920 -23.30 -7.20 -25.90
N GLY A 921 -23.33 -5.96 -26.37
CA GLY A 921 -22.14 -5.20 -26.78
C GLY A 921 -22.25 -4.58 -28.17
N LEU A 922 -21.19 -4.73 -28.97
CA LEU A 922 -21.01 -3.99 -30.22
C LEU A 922 -21.23 -4.91 -31.41
N THR A 923 -22.11 -4.49 -32.31
CA THR A 923 -22.42 -5.27 -33.50
C THR A 923 -21.30 -5.04 -34.53
N THR A 924 -21.25 -5.94 -35.52
CA THR A 924 -20.30 -5.81 -36.63
C THR A 924 -20.84 -4.95 -37.77
N ALA A 925 -22.11 -4.58 -37.71
CA ALA A 925 -22.74 -3.74 -38.72
C ALA A 925 -23.86 -2.97 -38.06
N GLU A 926 -24.14 -1.79 -38.59
CA GLU A 926 -25.14 -0.93 -37.98
C GLU A 926 -26.51 -1.63 -37.97
N ARG A 927 -27.18 -1.60 -36.83
CA ARG A 927 -28.44 -2.33 -36.66
C ARG A 927 -29.60 -1.83 -37.56
N ARG A 928 -29.55 -0.55 -37.95
CA ARG A 928 -30.52 0.05 -38.89
C ARG A 928 -30.46 -0.47 -40.32
N HIS A 929 -29.37 -1.11 -40.71
CA HIS A 929 -29.21 -1.46 -42.10
C HIS A 929 -30.15 -2.60 -42.50
N PRO A 930 -30.88 -2.43 -43.64
CA PRO A 930 -31.86 -3.47 -44.01
C PRO A 930 -31.28 -4.85 -44.25
N GLU A 931 -30.01 -4.94 -44.65
CA GLU A 931 -29.33 -6.23 -44.76
C GLU A 931 -28.70 -6.78 -43.46
N PHE A 932 -28.96 -6.14 -42.32
CA PHE A 932 -28.46 -6.58 -41.02
C PHE A 932 -28.93 -8.01 -40.74
N ARG A 933 -27.97 -8.92 -40.55
CA ARG A 933 -28.21 -10.34 -40.23
C ARG A 933 -29.28 -11.01 -41.08
N THR A 934 -29.09 -10.90 -42.39
CA THR A 934 -29.97 -11.51 -43.38
C THR A 934 -29.32 -12.69 -44.12
N ARG A 935 -28.14 -13.14 -43.70
CA ARG A 935 -27.43 -14.21 -44.42
C ARG A 935 -27.40 -15.55 -43.67
N GLY A 936 -28.38 -15.80 -42.80
CA GLY A 936 -28.44 -17.06 -42.07
C GLY A 936 -27.65 -17.01 -40.78
N VAL A 937 -27.80 -18.05 -39.97
CA VAL A 937 -27.10 -18.17 -38.68
C VAL A 937 -26.38 -19.51 -38.59
N GLY A 938 -25.41 -19.57 -37.68
CA GLY A 938 -24.69 -20.80 -37.37
C GLY A 938 -23.49 -21.11 -38.23
N LYS A 939 -23.21 -20.29 -39.24
CA LYS A 939 -22.12 -20.54 -40.22
C LYS A 939 -21.07 -19.41 -40.33
N CYS A 940 -20.92 -18.63 -39.26
CA CYS A 940 -19.95 -17.52 -39.15
C CYS A 940 -20.19 -16.37 -40.12
N GLU A 941 -21.20 -15.55 -39.82
CA GLU A 941 -21.58 -14.41 -40.66
C GLU A 941 -21.21 -13.10 -39.98
N TRP A 942 -20.67 -12.15 -40.77
CA TRP A 942 -20.16 -10.86 -40.26
C TRP A 942 -21.07 -9.67 -40.62
N ASP A 943 -22.34 -9.98 -40.86
CA ASP A 943 -23.33 -8.95 -41.20
C ASP A 943 -24.13 -8.44 -40.01
N GLY A 944 -23.52 -8.44 -38.82
CA GLY A 944 -24.18 -7.81 -37.67
C GLY A 944 -23.93 -8.41 -36.30
N ALA A 945 -23.80 -9.74 -36.22
CA ALA A 945 -23.58 -10.42 -34.94
C ALA A 945 -22.35 -9.89 -34.23
N ILE A 946 -22.22 -10.17 -32.93
CA ILE A 946 -21.07 -9.70 -32.15
C ILE A 946 -19.94 -10.69 -32.34
N TRP A 947 -18.80 -10.18 -32.78
CA TRP A 947 -17.55 -10.94 -32.95
C TRP A 947 -16.49 -10.32 -32.02
N PRO A 948 -16.00 -11.08 -31.03
CA PRO A 948 -14.95 -10.51 -30.18
C PRO A 948 -13.73 -9.97 -30.96
N PHE A 949 -13.36 -10.63 -32.07
CA PHE A 949 -12.30 -10.10 -32.97
C PHE A 949 -12.53 -8.63 -33.26
N ALA A 950 -13.77 -8.32 -33.62
CA ALA A 950 -14.19 -6.96 -33.94
C ALA A 950 -14.34 -6.06 -32.73
N SER A 951 -15.04 -6.55 -31.70
CA SER A 951 -15.18 -5.78 -30.46
C SER A 951 -13.79 -5.32 -29.95
N ALA A 952 -12.82 -6.21 -30.03
CA ALA A 952 -11.46 -5.90 -29.59
C ALA A 952 -10.81 -4.82 -30.44
N GLN A 953 -10.97 -4.93 -31.76
CA GLN A 953 -10.53 -3.87 -32.66
C GLN A 953 -11.20 -2.53 -32.30
N THR A 954 -12.53 -2.55 -32.22
CA THR A 954 -13.30 -1.36 -31.90
C THR A 954 -12.89 -0.72 -30.55
N LEU A 955 -12.74 -1.55 -29.52
CA LEU A 955 -12.37 -1.07 -28.19
C LEU A 955 -10.95 -0.52 -28.13
N THR A 956 -10.05 -1.11 -28.90
CA THR A 956 -8.66 -0.67 -28.98
C THR A 956 -8.63 0.68 -29.61
N ALA A 957 -9.33 0.80 -30.74
CA ALA A 957 -9.52 2.05 -31.47
C ALA A 957 -10.19 3.13 -30.63
N ALA A 959 -10.28 3.41 -27.37
CA ALA A 959 -9.27 3.84 -26.41
C ALA A 959 -8.26 4.79 -27.03
N ASN A 960 -7.79 4.49 -28.26
CA ASN A 960 -6.85 5.39 -28.93
C ASN A 960 -7.47 6.76 -29.13
N PHE A 961 -8.70 6.74 -29.62
CA PHE A 961 -9.47 7.94 -29.85
C PHE A 961 -9.60 8.74 -28.57
N ASN A 963 -7.76 8.53 -25.81
CA ASN A 963 -6.47 8.97 -25.31
C ASN A 963 -5.78 10.04 -26.18
N ASN A 964 -5.88 9.94 -27.51
CA ASN A 964 -4.99 10.69 -28.39
C ASN A 964 -5.68 11.83 -29.14
N TYR A 965 -7.01 11.95 -29.05
CA TYR A 965 -7.75 12.92 -29.85
C TYR A 965 -8.54 13.85 -28.91
N PRO A 966 -8.59 15.16 -29.23
CA PRO A 966 -9.42 16.08 -28.45
C PRO A 966 -10.87 15.86 -28.87
N GLN A 967 -11.68 15.41 -27.95
CA GLN A 967 -12.80 14.58 -28.28
C GLN A 967 -13.86 14.82 -27.24
N THR A 968 -15.08 15.10 -27.66
CA THR A 968 -16.18 15.41 -26.72
C THR A 968 -17.38 14.47 -26.87
N VAL A 969 -17.26 13.40 -27.66
CA VAL A 969 -18.37 12.52 -27.94
C VAL A 969 -18.55 11.38 -26.90
N LEU A 970 -17.45 10.82 -26.42
CA LEU A 970 -17.45 9.64 -25.59
C LEU A 970 -16.90 9.92 -24.18
N SER A 971 -17.64 9.50 -23.17
CA SER A 971 -17.17 9.56 -21.80
C SER A 971 -16.55 8.21 -21.39
N ASP A 972 -15.88 8.24 -20.25
CA ASP A 972 -15.40 7.01 -19.61
C ASP A 972 -16.52 5.97 -19.39
N SER A 973 -17.72 6.43 -19.00
CA SER A 973 -18.86 5.54 -18.75
C SER A 973 -19.18 4.71 -19.95
N VAL A 974 -19.08 5.34 -21.12
CA VAL A 974 -19.35 4.63 -22.34
C VAL A 974 -18.33 3.52 -22.59
N TYR A 975 -17.05 3.84 -22.45
CA TYR A 975 -16.01 2.84 -22.67
C TYR A 975 -16.16 1.71 -21.62
N PHE A 976 -16.33 2.10 -20.36
CA PHE A 976 -16.47 1.13 -19.28
C PHE A 976 -17.63 0.19 -19.54
N ARG A 977 -18.75 0.78 -19.95
CA ARG A 977 -19.98 0.02 -20.17
C ARG A 977 -19.78 -1.02 -21.27
N GLN A 978 -19.06 -0.69 -22.34
CA GLN A 978 -18.81 -1.64 -23.42
C GLN A 978 -17.84 -2.73 -22.99
N GLU A 980 -17.76 -3.75 -19.88
CA GLU A 980 -18.62 -4.54 -19.00
C GLU A 980 -19.49 -5.55 -19.78
N LEU A 981 -20.08 -5.10 -20.88
CA LEU A 981 -20.87 -5.95 -21.76
C LEU A 981 -20.00 -7.05 -22.41
N TYR A 982 -18.77 -6.71 -22.81
CA TYR A 982 -17.85 -7.72 -23.33
C TYR A 982 -17.59 -8.79 -22.24
N VAL A 983 -17.43 -8.34 -21.02
CA VAL A 983 -17.32 -9.27 -19.87
C VAL A 983 -18.56 -10.14 -19.69
N GLU A 984 -19.73 -9.53 -19.60
CA GLU A 984 -20.97 -10.27 -19.41
C GLU A 984 -21.26 -11.23 -20.55
N SER A 985 -20.85 -10.88 -21.75
CA SER A 985 -21.07 -11.75 -22.90
C SER A 985 -20.24 -13.04 -22.86
N GLN A 986 -19.13 -13.04 -22.12
CA GLN A 986 -18.18 -14.15 -22.10
C GLN A 986 -18.55 -15.21 -21.05
N TYR A 987 -19.80 -15.68 -21.10
CA TYR A 987 -20.30 -16.71 -20.24
C TYR A 987 -21.21 -17.60 -21.08
N HIS A 988 -21.26 -18.86 -20.69
CA HIS A 988 -22.00 -19.89 -21.40
C HIS A 988 -22.29 -20.97 -20.35
N ARG A 989 -23.56 -21.30 -20.18
CA ARG A 989 -23.99 -22.30 -19.18
C ARG A 989 -23.52 -21.94 -17.77
N GLY A 990 -23.42 -20.64 -17.50
CA GLY A 990 -23.01 -20.13 -16.21
C GLY A 990 -21.53 -20.03 -15.93
N ARG A 991 -20.70 -20.34 -16.92
CA ARG A 991 -19.25 -20.39 -16.72
C ARG A 991 -18.59 -19.50 -17.74
N PRO A 992 -17.42 -18.94 -17.39
CA PRO A 992 -16.70 -18.12 -18.37
C PRO A 992 -16.46 -18.91 -19.64
N TYR A 993 -16.55 -18.19 -20.77
CA TYR A 993 -16.58 -18.79 -22.08
C TYR A 993 -16.20 -17.75 -23.13
N ILE A 994 -15.25 -18.11 -23.99
CA ILE A 994 -14.88 -17.29 -25.13
C ILE A 994 -15.01 -18.20 -26.35
N GLY A 995 -16.01 -17.86 -27.17
CA GLY A 995 -16.33 -18.56 -28.40
C GLY A 995 -16.10 -17.69 -29.62
N GLU A 996 -16.75 -18.05 -30.72
CA GLU A 996 -16.50 -17.43 -32.00
C GLU A 996 -17.27 -16.13 -32.20
N TYR A 997 -18.58 -16.21 -32.04
CA TYR A 997 -19.45 -15.06 -32.20
C TYR A 997 -20.80 -15.32 -31.55
N LEU A 998 -21.52 -14.26 -31.25
CA LEU A 998 -22.78 -14.39 -30.50
C LEU A 998 -23.87 -13.44 -30.96
N ASP A 999 -25.09 -13.79 -30.58
CA ASP A 999 -26.28 -13.01 -30.89
C ASP A 999 -26.28 -11.71 -30.08
N GLU A 1000 -26.45 -10.58 -30.78
CA GLU A 1000 -26.33 -9.26 -30.19
C GLU A 1000 -27.45 -8.89 -29.20
N VAL A 1001 -28.64 -9.47 -29.43
CA VAL A 1001 -29.81 -9.26 -28.57
C VAL A 1001 -29.90 -10.30 -27.42
N THR A 1002 -29.61 -11.57 -27.73
CA THR A 1002 -29.88 -12.66 -26.78
C THR A 1002 -28.67 -13.13 -26.05
N GLY A 1003 -27.49 -12.82 -26.54
CA GLY A 1003 -26.25 -13.28 -25.92
C GLY A 1003 -25.87 -14.71 -26.27
N TYR A 1004 -26.69 -15.38 -27.08
CA TYR A 1004 -26.44 -16.78 -27.42
C TYR A 1004 -25.17 -16.91 -28.24
N TRP A 1005 -24.25 -17.70 -27.74
CA TRP A 1005 -23.06 -18.03 -28.54
C TRP A 1005 -23.50 -18.93 -29.69
N LEU A 1006 -23.26 -18.47 -30.90
CA LEU A 1006 -23.97 -19.00 -32.06
C LEU A 1006 -23.55 -20.37 -32.60
N LYS A 1007 -22.46 -20.95 -32.13
CA LYS A 1007 -22.22 -22.39 -32.35
C LYS A 1007 -22.75 -23.28 -31.22
N GLY A 1008 -23.52 -22.73 -30.28
CA GLY A 1008 -24.04 -23.54 -29.20
C GLY A 1008 -22.96 -24.29 -28.41
N ASP A 1009 -23.17 -25.59 -28.25
CA ASP A 1009 -22.24 -26.42 -27.48
C ASP A 1009 -21.15 -27.10 -28.35
N GLN A 1010 -21.01 -26.70 -29.62
CA GLN A 1010 -20.01 -27.30 -30.51
C GLN A 1010 -18.59 -27.06 -29.97
N GLU A 1011 -17.79 -28.11 -30.05
CA GLU A 1011 -16.44 -28.11 -29.47
C GLU A 1011 -15.51 -27.07 -30.07
N ARG A 1012 -15.60 -26.87 -31.37
CA ARG A 1012 -14.75 -25.92 -32.07
C ARG A 1012 -14.64 -24.51 -31.44
N SER A 1013 -15.75 -24.01 -30.88
CA SER A 1013 -15.78 -22.65 -30.35
C SER A 1013 -15.10 -22.50 -29.00
N ARG A 1014 -14.94 -23.61 -28.27
CA ARG A 1014 -14.45 -23.55 -26.90
C ARG A 1014 -13.04 -22.99 -26.86
N TYR A 1015 -12.84 -21.98 -26.02
CA TYR A 1015 -11.53 -21.36 -25.80
C TYR A 1015 -10.96 -20.69 -27.06
N TYR A 1016 -11.82 -20.10 -27.89
CA TYR A 1016 -11.39 -19.48 -29.12
C TYR A 1016 -10.41 -18.31 -28.87
N ASN A 1017 -9.36 -18.27 -29.66
CA ASN A 1017 -8.29 -17.31 -29.52
C ASN A 1017 -8.19 -16.47 -30.78
N HIS A 1018 -9.00 -15.43 -30.82
CA HIS A 1018 -9.32 -14.70 -32.02
C HIS A 1018 -9.66 -13.25 -31.67
N SER A 1019 -9.06 -12.76 -30.60
CA SER A 1019 -9.43 -11.47 -30.03
C SER A 1019 -8.46 -11.13 -28.92
N THR A 1020 -8.52 -9.89 -28.48
CA THR A 1020 -7.84 -9.49 -27.24
C THR A 1020 -8.91 -9.25 -26.17
N PHE A 1021 -8.43 -9.26 -24.93
CA PHE A 1021 -9.21 -8.87 -23.77
C PHE A 1021 -8.32 -8.19 -22.73
N ASN A 1022 -7.31 -8.90 -22.27
CA ASN A 1022 -6.43 -8.37 -21.27
C ASN A 1022 -5.55 -7.25 -21.79
N ASP A 1023 -5.32 -7.19 -23.10
CA ASP A 1023 -4.65 -6.04 -23.65
C ASP A 1023 -5.50 -4.80 -23.45
N LEU A 1024 -6.81 -4.99 -23.54
CA LEU A 1024 -7.78 -3.90 -23.36
C LEU A 1024 -7.86 -3.51 -21.89
N ILE A 1026 -5.44 -3.80 -19.67
CA ILE A 1026 -4.18 -3.18 -19.32
C ILE A 1026 -3.99 -1.81 -19.95
N THR A 1027 -4.29 -1.68 -21.24
CA THR A 1027 -4.00 -0.44 -21.96
C THR A 1027 -5.15 0.55 -22.04
N GLY A 1028 -6.38 0.10 -21.82
CA GLY A 1028 -7.54 0.97 -21.98
C GLY A 1028 -8.16 1.28 -20.64
N LEU A 1029 -8.70 0.24 -19.99
CA LEU A 1029 -9.37 0.36 -18.69
C LEU A 1029 -8.42 0.88 -17.59
N ILE A 1030 -7.35 0.15 -17.31
CA ILE A 1030 -6.32 0.61 -16.38
C ILE A 1030 -5.51 1.74 -17.04
N GLY A 1031 -5.35 1.69 -18.35
CA GLY A 1031 -4.87 2.81 -19.10
C GLY A 1031 -3.36 2.95 -19.18
N LEU A 1032 -2.61 1.87 -19.05
CA LEU A 1032 -1.18 1.95 -19.33
C LEU A 1032 -0.97 2.11 -20.83
N ARG A 1033 -0.40 3.25 -21.24
CA ARG A 1033 -0.21 3.55 -22.66
C ARG A 1033 1.21 3.30 -23.14
N PRO A 1034 1.45 2.18 -23.82
CA PRO A 1034 2.86 1.86 -24.10
C PRO A 1034 3.52 2.88 -25.00
N ARG A 1035 4.81 3.12 -24.78
CA ARG A 1035 5.57 4.13 -25.51
C ARG A 1035 6.95 3.64 -25.88
N LEU A 1036 7.57 4.32 -26.83
CA LEU A 1036 8.95 4.02 -27.26
C LEU A 1036 10.01 4.54 -26.30
N ASP A 1037 9.67 5.56 -25.52
CA ASP A 1037 10.66 6.28 -24.70
C ASP A 1037 10.66 5.77 -23.25
N ASP A 1038 11.25 6.52 -22.33
CA ASP A 1038 11.41 6.10 -20.94
C ASP A 1038 10.32 6.69 -20.02
N THR A 1039 9.26 7.23 -20.59
CA THR A 1039 8.23 7.91 -19.81
C THR A 1039 7.07 6.92 -19.61
N ILE A 1040 6.51 6.91 -18.41
CA ILE A 1040 5.33 6.09 -18.13
C ILE A 1040 4.09 6.99 -18.21
N GLU A 1041 3.09 6.53 -18.96
CA GLU A 1041 1.87 7.29 -19.20
C GLU A 1041 0.69 6.39 -18.88
N ILE A 1042 -0.12 6.78 -17.91
CA ILE A 1042 -1.38 6.09 -17.66
C ILE A 1042 -2.54 7.05 -17.74
N ASN A 1043 -3.69 6.51 -18.08
CA ASN A 1043 -4.91 7.29 -18.20
C ASN A 1043 -6.07 6.33 -18.14
N PRO A 1044 -6.46 5.90 -16.92
CA PRO A 1044 -7.56 4.96 -16.79
C PRO A 1044 -8.88 5.51 -17.31
N LEU A 1045 -9.61 4.68 -18.03
CA LEU A 1045 -10.92 5.05 -18.53
C LEU A 1045 -11.99 4.40 -17.67
N ILE A 1046 -11.87 4.57 -16.37
CA ILE A 1046 -12.86 4.10 -15.42
C ILE A 1046 -13.49 5.38 -14.93
N PRO A 1047 -14.83 5.45 -14.85
CA PRO A 1047 -15.41 6.68 -14.29
C PRO A 1047 -15.07 6.89 -12.82
N ALA A 1048 -15.16 8.14 -12.42
CA ALA A 1048 -15.06 8.50 -11.02
C ALA A 1048 -16.19 7.78 -10.27
N ASP A 1049 -15.83 7.19 -9.14
CA ASP A 1049 -16.78 6.50 -8.24
C ASP A 1049 -17.31 5.16 -8.75
N LYS A 1050 -16.67 4.59 -9.76
CA LYS A 1050 -17.04 3.26 -10.19
C LYS A 1050 -16.52 2.24 -9.17
N TRP A 1051 -15.20 2.28 -8.93
CA TRP A 1051 -14.50 1.36 -8.03
C TRP A 1051 -13.68 2.09 -6.93
N ASP A 1052 -13.88 1.70 -5.67
CA ASP A 1052 -13.11 2.28 -4.58
C ASP A 1052 -11.64 1.94 -4.65
N TRP A 1053 -11.29 0.85 -5.32
CA TRP A 1053 -9.89 0.48 -5.45
C TRP A 1053 -9.72 -0.44 -6.62
N PHE A 1054 -8.49 -0.48 -7.13
CA PHE A 1054 -8.10 -1.55 -8.06
C PHE A 1054 -6.60 -1.54 -8.17
N CYS A 1055 -6.05 -2.58 -8.78
CA CYS A 1055 -4.61 -2.63 -8.95
C CYS A 1055 -4.20 -3.54 -10.08
N LEU A 1056 -3.29 -3.06 -10.90
CA LEU A 1056 -2.58 -3.90 -11.86
C LEU A 1056 -1.14 -3.93 -11.43
N ASP A 1057 -0.62 -5.14 -11.23
CA ASP A 1057 0.68 -5.35 -10.63
C ASP A 1057 1.44 -6.38 -11.44
N ASN A 1058 2.72 -6.48 -11.14
CA ASN A 1058 3.61 -7.46 -11.73
C ASN A 1058 3.71 -7.27 -13.24
N VAL A 1059 3.64 -6.03 -13.71
CA VAL A 1059 3.72 -5.77 -15.15
C VAL A 1059 5.20 -5.67 -15.51
N LEU A 1060 5.65 -6.44 -16.50
CA LEU A 1060 7.00 -6.27 -17.04
C LEU A 1060 6.93 -5.32 -18.21
N TYR A 1061 7.44 -4.11 -18.00
CA TYR A 1061 7.36 -3.04 -18.98
C TYR A 1061 8.74 -2.41 -19.07
N HIS A 1062 9.39 -2.50 -20.22
CA HIS A 1062 10.72 -1.90 -20.43
C HIS A 1062 11.79 -2.36 -19.41
N GLY A 1063 11.76 -3.65 -19.08
CA GLY A 1063 12.71 -4.20 -18.11
C GLY A 1063 12.50 -3.84 -16.66
N HIS A 1064 11.37 -3.21 -16.34
CA HIS A 1064 11.01 -2.80 -14.98
C HIS A 1064 9.68 -3.43 -14.62
N ASN A 1065 9.44 -3.60 -13.33
CA ASN A 1065 8.19 -4.17 -12.83
C ASN A 1065 7.25 -3.05 -12.40
N LEU A 1066 6.10 -2.89 -13.08
CA LEU A 1066 5.20 -1.78 -12.74
C LEU A 1066 4.01 -2.22 -11.97
N THR A 1067 3.53 -1.29 -11.16
CA THR A 1067 2.28 -1.43 -10.44
C THR A 1067 1.47 -0.17 -10.65
N ILE A 1068 0.19 -0.31 -10.93
CA ILE A 1068 -0.70 0.83 -11.04
C ILE A 1068 -1.86 0.53 -10.10
N LEU A 1069 -2.14 1.44 -9.20
CA LEU A 1069 -3.19 1.26 -8.28
C LEU A 1069 -3.95 2.52 -7.96
N TRP A 1070 -5.17 2.27 -7.50
CA TRP A 1070 -6.13 3.28 -7.16
C TRP A 1070 -6.70 2.87 -5.82
N ASP A 1071 -6.79 3.82 -4.89
CA ASP A 1071 -7.25 3.55 -3.53
C ASP A 1071 -7.88 4.82 -3.03
N LYS A 1072 -9.18 4.90 -3.21
CA LYS A 1072 -9.92 6.12 -2.91
C LYS A 1072 -9.80 6.52 -1.46
N ASN A 1073 -9.97 5.56 -0.57
CA ASN A 1073 -10.01 5.80 0.87
C ASN A 1073 -8.72 5.44 1.60
N GLY A 1074 -7.78 4.81 0.89
CA GLY A 1074 -6.45 4.49 1.40
C GLY A 1074 -6.30 3.18 2.13
N ASP A 1075 -7.38 2.41 2.23
CA ASP A 1075 -7.38 1.24 3.12
C ASP A 1075 -7.26 -0.11 2.40
N ARG A 1076 -7.25 -0.12 1.08
CA ARG A 1076 -7.00 -1.38 0.38
C ARG A 1076 -5.53 -1.74 0.36
N TYR A 1077 -4.67 -0.76 0.06
CA TYR A 1077 -3.20 -0.98 -0.07
C TYR A 1077 -2.36 -0.29 1.02
N HIS A 1078 -2.95 0.63 1.78
CA HIS A 1078 -2.24 1.33 2.88
C HIS A 1078 -0.92 1.93 2.39
N CYS A 1079 -0.97 2.63 1.25
CA CYS A 1079 0.18 3.37 0.75
C CYS A 1079 -0.24 4.78 0.35
N GLY A 1080 -1.35 5.27 0.89
CA GLY A 1080 -1.89 6.59 0.52
C GLY A 1080 -3.13 6.53 -0.35
N LYS A 1081 -3.84 7.65 -0.42
CA LYS A 1081 -5.03 7.73 -1.24
C LYS A 1081 -4.68 8.10 -2.68
N GLY A 1082 -5.56 7.75 -3.60
CA GLY A 1082 -5.46 8.16 -4.98
C GLY A 1082 -4.83 7.15 -5.91
N LEU A 1083 -4.37 7.66 -7.05
CA LEU A 1083 -3.86 6.88 -8.15
C LEU A 1083 -2.34 6.88 -8.06
N ARG A 1084 -1.71 5.71 -8.04
CA ARG A 1084 -0.26 5.65 -7.88
C ARG A 1084 0.36 4.67 -8.83
N ILE A 1085 1.57 5.00 -9.25
CA ILE A 1085 2.38 4.15 -10.10
C ILE A 1085 3.63 3.79 -9.31
N PHE A 1086 3.99 2.50 -9.31
CA PHE A 1086 5.23 2.05 -8.71
C PHE A 1086 6.11 1.42 -9.78
N VAL A 1087 7.41 1.66 -9.65
CA VAL A 1087 8.46 1.02 -10.43
C VAL A 1087 9.32 0.21 -9.46
N ASN A 1088 9.40 -1.11 -9.64
CA ASN A 1088 10.10 -2.02 -8.73
C ASN A 1088 9.79 -1.71 -7.27
N GLY A 1089 8.50 -1.51 -7.01
CA GLY A 1089 8.00 -1.24 -5.68
C GLY A 1089 8.28 0.11 -5.08
N LYS A 1090 8.85 1.03 -5.85
CA LYS A 1090 9.10 2.41 -5.40
C LYS A 1090 8.15 3.33 -6.17
N GLU A 1091 7.46 4.20 -5.43
CA GLU A 1091 6.50 5.11 -6.03
C GLU A 1091 7.17 6.03 -7.03
N ALA A 1092 6.56 6.15 -8.20
CA ALA A 1092 7.06 7.02 -9.27
C ALA A 1092 6.14 8.20 -9.55
N GLY A 1093 4.92 8.20 -9.03
CA GLY A 1093 3.99 9.28 -9.30
C GLY A 1093 2.65 9.05 -8.63
N HIS A 1094 1.87 10.11 -8.56
CA HIS A 1094 0.66 10.12 -7.76
C HIS A 1094 -0.27 11.17 -8.30
N ALA A 1095 -1.55 10.86 -8.28
CA ALA A 1095 -2.61 11.81 -8.58
C ALA A 1095 -3.77 11.62 -7.61
N ASP A 1096 -4.50 12.69 -7.32
CA ASP A 1096 -5.63 12.66 -6.38
C ASP A 1096 -6.90 12.02 -6.97
N THR A 1097 -6.99 11.97 -8.30
CA THR A 1097 -8.16 11.47 -8.99
C THR A 1097 -7.73 10.50 -10.10
N LEU A 1098 -8.71 9.74 -10.61
CA LEU A 1098 -8.49 8.99 -11.83
C LEU A 1098 -8.42 9.96 -12.98
N THR A 1099 -7.23 10.13 -13.54
CA THR A 1099 -6.99 11.13 -14.56
C THR A 1099 -5.64 10.76 -15.17
N ARG A 1100 -5.25 11.41 -16.25
CA ARG A 1100 -3.95 11.14 -16.87
C ARG A 1100 -2.77 11.44 -15.89
N LEU A 1101 -1.84 10.51 -15.77
CA LEU A 1101 -0.67 10.66 -14.93
C LEU A 1101 0.55 10.20 -15.72
N VAL A 1102 1.52 11.10 -15.83
CA VAL A 1102 2.72 10.93 -16.63
C VAL A 1102 3.93 11.07 -15.71
N CYS A 1103 4.79 10.06 -15.70
CA CYS A 1103 6.01 10.08 -14.92
C CYS A 1103 7.18 10.14 -15.88
N GLU A 1104 7.76 11.33 -16.01
CA GLU A 1104 8.84 11.53 -16.98
C GLU A 1104 10.11 10.87 -16.54
N ASN A 1105 10.77 10.20 -17.48
CA ASN A 1105 12.03 9.50 -17.26
C ASN A 1105 12.10 8.74 -15.93
N ALA A 1106 11.06 7.98 -15.61
CA ALA A 1106 11.05 7.16 -14.38
C ALA A 1106 11.65 5.76 -14.60
N LEU A 1107 11.93 5.42 -15.86
CA LEU A 1107 12.62 4.20 -16.24
C LEU A 1107 14.03 4.61 -16.60
#